data_8R5W
#
_entry.id   8R5W
#
_cell.length_a   103.680
_cell.length_b   34.510
_cell.length_c   106.890
_cell.angle_alpha   90.00
_cell.angle_beta   94.00
_cell.angle_gamma   90.00
#
_symmetry.space_group_name_H-M   'P 1 21 1'
#
loop_
_entity.id
_entity.type
_entity.pdbx_description
1 polymer Fibulin-2
2 water water
#
_entity_poly.entity_id   1
_entity_poly.type   'polypeptide(L)'
_entity_poly.pdbx_seq_one_letter_code
;MHHHHHHMSTKDLIETCCAAGQQWAIDNDECQEIPENGAQSDICRIAQRQCCISYLKEKSCVAGVMGAKEGETCGAEDND
TCGVSLYKQCCDCCGLGLRVRAEGQSCESNPNLGYPCNHVMLSCCEG
;
_entity_poly.pdbx_strand_id   A,B,C,D,E,F,G,H
#
# COMPACT_ATOMS: atom_id res chain seq x y z
N MET A 1 3.95 1.01 -10.48
CA MET A 1 2.79 1.76 -11.06
C MET A 1 2.95 1.84 -12.58
N HIS A 2 1.86 1.65 -13.28
CA HIS A 2 1.79 1.93 -14.70
C HIS A 2 1.96 3.43 -14.88
N HIS A 3 2.72 3.79 -15.91
CA HIS A 3 2.92 5.17 -16.31
C HIS A 3 2.80 5.23 -17.83
N HIS A 4 2.30 6.35 -18.34
CA HIS A 4 2.32 6.63 -19.76
C HIS A 4 3.68 7.25 -20.14
N HIS A 5 4.43 6.58 -21.01
CA HIS A 5 5.70 7.08 -21.53
C HIS A 5 5.49 7.73 -22.90
N HIS A 6 6.24 8.80 -23.21
CA HIS A 6 6.34 9.22 -24.60
C HIS A 6 7.80 9.37 -24.97
N HIS A 7 8.09 9.28 -26.26
CA HIS A 7 9.45 9.26 -26.76
C HIS A 7 9.56 10.27 -27.88
N MET A 8 9.48 11.54 -27.50
CA MET A 8 9.63 12.64 -28.45
C MET A 8 11.09 13.10 -28.38
N SER A 9 11.70 13.35 -29.54
CA SER A 9 13.02 13.97 -29.58
C SER A 9 13.05 15.29 -28.81
N THR A 10 14.26 15.71 -28.42
CA THR A 10 14.46 16.96 -27.74
C THR A 10 14.10 18.13 -28.65
N LYS A 11 14.46 18.01 -29.94
CA LYS A 11 14.19 19.06 -30.91
C LYS A 11 12.68 19.29 -31.02
N ASP A 12 11.92 18.19 -31.16
CA ASP A 12 10.48 18.29 -31.35
C ASP A 12 9.82 18.82 -30.08
N LEU A 13 10.36 18.42 -28.93
CA LEU A 13 9.77 18.81 -27.69
C LEU A 13 9.93 20.31 -27.48
N ILE A 14 11.09 20.84 -27.92
CA ILE A 14 11.38 22.25 -27.86
C ILE A 14 10.37 23.02 -28.71
N GLU A 15 10.19 22.55 -29.96
CA GLU A 15 9.25 23.16 -30.89
CA GLU A 15 9.25 23.16 -30.89
C GLU A 15 7.85 23.18 -30.27
N THR A 16 7.43 22.02 -29.76
CA THR A 16 6.09 21.83 -29.24
C THR A 16 5.85 22.78 -28.07
N CYS A 17 6.76 22.74 -27.09
CA CYS A 17 6.60 23.48 -25.86
C CYS A 17 6.79 24.97 -26.12
N CYS A 18 7.64 25.31 -27.09
CA CYS A 18 7.77 26.69 -27.50
C CYS A 18 6.44 27.23 -28.03
N ALA A 19 5.78 26.46 -28.92
CA ALA A 19 4.52 26.92 -29.47
C ALA A 19 3.46 27.07 -28.38
N ALA A 20 3.45 26.13 -27.42
CA ALA A 20 2.54 26.22 -26.29
C ALA A 20 2.77 27.51 -25.50
N GLY A 21 4.04 27.83 -25.24
CA GLY A 21 4.39 29.01 -24.46
C GLY A 21 3.90 30.28 -25.16
N GLN A 22 4.22 30.39 -26.45
CA GLN A 22 3.79 31.54 -27.23
C GLN A 22 2.27 31.67 -27.16
N GLN A 23 1.58 30.53 -27.32
CA GLN A 23 0.13 30.50 -27.32
C GLN A 23 -0.39 30.97 -25.97
N TRP A 24 0.24 30.52 -24.89
CA TRP A 24 -0.16 30.94 -23.57
C TRP A 24 0.00 32.47 -23.43
N ALA A 25 1.10 33.01 -23.96
CA ALA A 25 1.35 34.44 -23.84
C ALA A 25 0.27 35.22 -24.57
N ILE A 26 -0.11 34.76 -25.77
CA ILE A 26 -1.14 35.41 -26.57
C ILE A 26 -2.48 35.35 -25.83
N ASP A 27 -2.81 34.19 -25.25
CA ASP A 27 -4.10 33.98 -24.61
C ASP A 27 -4.21 34.83 -23.34
N ASN A 28 -3.22 34.71 -22.46
CA ASN A 28 -3.15 35.38 -21.17
C ASN A 28 -1.88 36.23 -21.20
N ASP A 29 -1.80 37.30 -20.42
CA ASP A 29 -0.61 38.13 -20.53
C ASP A 29 0.47 37.69 -19.54
N GLU A 30 0.29 36.58 -18.79
CA GLU A 30 1.32 36.15 -17.85
C GLU A 30 2.14 35.04 -18.50
N CYS A 31 3.26 34.67 -17.87
CA CYS A 31 3.94 33.40 -18.08
C CYS A 31 4.11 32.63 -16.78
N GLN A 32 3.00 32.53 -16.04
CA GLN A 32 2.93 31.70 -14.84
C GLN A 32 2.83 30.23 -15.24
N GLU A 33 2.11 29.96 -16.34
CA GLU A 33 1.76 28.65 -16.83
C GLU A 33 1.83 27.63 -15.69
N GLN A 40 6.30 18.43 -18.11
CA GLN A 40 6.92 18.02 -16.80
C GLN A 40 8.45 18.00 -16.90
N SER A 41 9.02 17.72 -18.08
CA SER A 41 10.46 17.77 -18.27
C SER A 41 10.98 19.22 -18.31
N ASP A 42 12.25 19.35 -17.89
CA ASP A 42 12.94 20.62 -17.86
C ASP A 42 13.00 21.22 -19.27
N ILE A 43 13.27 20.40 -20.28
CA ILE A 43 13.35 20.83 -21.67
C ILE A 43 12.07 21.58 -22.05
N CYS A 44 10.92 20.96 -21.72
CA CYS A 44 9.63 21.50 -22.09
C CYS A 44 9.37 22.78 -21.31
N ARG A 45 9.64 22.77 -19.99
CA ARG A 45 9.37 23.92 -19.16
C ARG A 45 10.22 25.12 -19.60
N ILE A 46 11.48 24.88 -19.96
CA ILE A 46 12.39 25.95 -20.38
C ILE A 46 11.85 26.55 -21.67
N ALA A 47 11.51 25.71 -22.65
CA ALA A 47 11.08 26.21 -23.95
C ALA A 47 9.76 26.98 -23.86
N GLN A 48 8.86 26.47 -23.02
CA GLN A 48 7.57 27.12 -22.80
C GLN A 48 7.76 28.52 -22.25
N ARG A 49 8.52 28.59 -21.14
CA ARG A 49 8.74 29.83 -20.44
C ARG A 49 9.44 30.81 -21.37
N GLN A 50 10.49 30.35 -22.07
CA GLN A 50 11.30 31.25 -22.87
C GLN A 50 10.47 31.85 -23.99
N CYS A 51 9.64 31.03 -24.66
CA CYS A 51 8.83 31.52 -25.78
C CYS A 51 7.70 32.42 -25.26
N CYS A 52 7.20 32.11 -24.08
CA CYS A 52 6.16 32.93 -23.45
C CYS A 52 6.71 34.32 -23.15
N ILE A 53 7.87 34.36 -22.48
CA ILE A 53 8.48 35.62 -22.06
C ILE A 53 8.93 36.42 -23.27
N SER A 54 9.54 35.78 -24.28
CA SER A 54 9.99 36.52 -25.47
C SER A 54 8.82 37.25 -26.12
N TYR A 55 7.65 36.60 -26.19
CA TYR A 55 6.51 37.20 -26.84
C TYR A 55 6.08 38.46 -26.09
N LEU A 56 5.94 38.34 -24.77
CA LEU A 56 5.56 39.47 -23.92
C LEU A 56 6.63 40.57 -23.97
N LYS A 57 7.91 40.18 -24.03
CA LYS A 57 9.00 41.14 -24.09
C LYS A 57 8.93 41.94 -25.39
N GLU A 58 8.76 41.25 -26.52
CA GLU A 58 8.78 41.93 -27.81
CA GLU A 58 8.78 41.93 -27.81
C GLU A 58 7.57 42.86 -27.91
N LYS A 59 6.42 42.39 -27.42
CA LYS A 59 5.20 43.18 -27.43
C LYS A 59 5.33 44.45 -26.58
N SER A 60 5.79 44.30 -25.35
CA SER A 60 5.98 45.44 -24.45
C SER A 60 7.03 46.39 -25.00
N CYS A 61 8.09 45.84 -25.61
CA CYS A 61 9.11 46.67 -26.25
C CYS A 61 8.49 47.53 -27.35
N VAL A 62 7.70 46.95 -28.25
CA VAL A 62 7.12 47.68 -29.38
C VAL A 62 6.18 48.74 -28.83
N ALA A 63 5.41 48.44 -27.77
CA ALA A 63 4.55 49.42 -27.11
C ALA A 63 5.40 50.57 -26.58
N GLY A 64 6.52 50.24 -25.95
CA GLY A 64 7.47 51.21 -25.45
C GLY A 64 7.99 52.17 -26.54
N VAL A 65 8.39 51.62 -27.68
CA VAL A 65 8.87 52.41 -28.81
C VAL A 65 7.78 53.38 -29.27
N MET A 66 6.54 52.89 -29.38
CA MET A 66 5.44 53.70 -29.85
C MET A 66 5.18 54.80 -28.84
N GLY A 67 5.23 54.46 -27.55
CA GLY A 67 5.13 55.39 -26.44
C GLY A 67 6.09 56.58 -26.58
N ALA A 68 7.36 56.30 -26.85
CA ALA A 68 8.35 57.34 -26.99
C ALA A 68 8.00 58.24 -28.18
N LYS A 69 7.58 57.64 -29.30
CA LYS A 69 7.31 58.42 -30.50
C LYS A 69 6.06 59.29 -30.30
N GLU A 70 5.17 58.89 -29.40
CA GLU A 70 3.91 59.56 -29.14
C GLU A 70 4.07 60.61 -28.05
N GLY A 71 5.27 60.71 -27.43
CA GLY A 71 5.50 61.68 -26.37
C GLY A 71 5.10 61.21 -24.96
N GLU A 72 4.87 59.92 -24.79
CA GLU A 72 4.44 59.34 -23.53
C GLU A 72 5.65 59.23 -22.60
N THR A 73 5.37 59.30 -21.30
CA THR A 73 6.36 59.13 -20.25
C THR A 73 6.72 57.64 -20.13
N CYS A 74 8.01 57.36 -19.99
CA CYS A 74 8.49 55.99 -20.00
C CYS A 74 8.31 55.33 -18.62
N GLY A 75 8.15 56.13 -17.56
CA GLY A 75 8.26 55.62 -16.19
C GLY A 75 9.54 56.07 -15.48
N ALA A 76 9.64 55.83 -14.17
CA ALA A 76 10.74 56.34 -13.37
C ALA A 76 11.62 55.20 -12.84
N GLU A 77 12.78 55.56 -12.26
CA GLU A 77 13.59 54.72 -11.38
C GLU A 77 13.69 53.29 -11.93
N VAL A 84 9.28 41.40 -16.51
CA VAL A 84 9.10 40.91 -17.91
C VAL A 84 9.08 42.10 -18.89
N SER A 85 8.36 43.15 -18.51
CA SER A 85 8.01 44.21 -19.44
C SER A 85 9.23 45.03 -19.88
N LEU A 86 9.41 45.22 -21.20
CA LEU A 86 10.44 46.12 -21.69
C LEU A 86 9.86 47.48 -22.07
N TYR A 87 8.68 47.81 -21.55
CA TYR A 87 8.05 49.05 -21.95
C TYR A 87 9.01 50.21 -21.66
N LYS A 88 9.46 50.28 -20.41
CA LYS A 88 10.29 51.39 -19.94
C LYS A 88 11.63 51.43 -20.69
N GLN A 89 12.27 50.26 -20.76
CA GLN A 89 13.57 50.14 -21.40
C GLN A 89 13.48 50.62 -22.83
N CYS A 90 12.50 50.13 -23.60
CA CYS A 90 12.42 50.44 -25.01
C CYS A 90 11.99 51.89 -25.22
N CYS A 91 11.15 52.40 -24.33
CA CYS A 91 10.78 53.80 -24.38
C CYS A 91 12.00 54.70 -24.15
N ASP A 92 12.78 54.40 -23.10
CA ASP A 92 13.99 55.15 -22.80
C ASP A 92 15.00 55.07 -23.98
N CYS A 93 15.25 53.87 -24.49
CA CYS A 93 16.25 53.66 -25.53
C CYS A 93 15.82 54.31 -26.84
N CYS A 94 14.52 54.25 -27.15
CA CYS A 94 14.00 54.97 -28.29
C CYS A 94 14.28 56.46 -28.10
N GLY A 95 14.00 56.97 -26.88
CA GLY A 95 14.20 58.37 -26.55
C GLY A 95 15.64 58.84 -26.79
N LEU A 96 16.62 57.96 -26.54
CA LEU A 96 18.01 58.27 -26.83
C LEU A 96 18.17 58.58 -28.33
N GLY A 97 17.65 57.71 -29.17
CA GLY A 97 17.75 57.84 -30.63
C GLY A 97 17.05 59.10 -31.12
N LEU A 98 15.89 59.39 -30.54
CA LEU A 98 15.10 60.55 -30.93
C LEU A 98 15.91 61.83 -30.63
N ARG A 99 16.55 61.87 -29.46
CA ARG A 99 17.25 63.06 -29.00
C ARG A 99 18.47 63.31 -29.87
N VAL A 100 19.17 62.25 -30.29
CA VAL A 100 20.32 62.35 -31.17
C VAL A 100 19.86 62.89 -32.53
N ARG A 101 18.76 62.33 -33.05
CA ARG A 101 18.21 62.76 -34.32
C ARG A 101 17.80 64.23 -34.25
N ALA A 102 17.18 64.61 -33.13
CA ALA A 102 16.69 65.97 -32.92
C ALA A 102 17.84 66.97 -32.93
N GLU A 103 19.05 66.53 -32.57
CA GLU A 103 20.21 67.39 -32.57
C GLU A 103 20.86 67.47 -33.95
N GLY A 104 20.29 66.80 -34.95
CA GLY A 104 20.80 66.83 -36.30
C GLY A 104 22.03 65.95 -36.49
N GLN A 105 22.27 65.04 -35.53
CA GLN A 105 23.45 64.19 -35.59
C GLN A 105 23.07 62.83 -36.14
N SER A 106 24.09 62.17 -36.71
CA SER A 106 23.95 60.87 -37.31
C SER A 106 24.02 59.80 -36.23
N CYS A 107 23.32 58.70 -36.48
CA CYS A 107 23.19 57.64 -35.51
C CYS A 107 24.40 56.71 -35.59
N GLU A 108 24.91 56.32 -34.42
CA GLU A 108 26.06 55.45 -34.34
C GLU A 108 25.65 54.30 -33.44
N SER A 109 25.85 53.08 -33.95
CA SER A 109 25.64 51.87 -33.19
C SER A 109 26.49 51.91 -31.92
N ASN A 110 25.87 51.59 -30.78
CA ASN A 110 26.59 51.48 -29.52
C ASN A 110 26.21 50.15 -28.87
N PRO A 111 26.91 49.06 -29.23
CA PRO A 111 26.62 47.74 -28.67
C PRO A 111 26.65 47.66 -27.14
N ASN A 112 27.34 48.60 -26.48
CA ASN A 112 27.39 48.58 -25.03
C ASN A 112 26.01 48.79 -24.42
N LEU A 113 25.10 49.43 -25.17
CA LEU A 113 23.72 49.64 -24.72
C LEU A 113 22.98 48.30 -24.60
N GLY A 114 23.47 47.26 -25.28
CA GLY A 114 22.90 45.92 -25.19
C GLY A 114 21.69 45.72 -26.10
N TYR A 115 20.99 44.60 -25.92
CA TYR A 115 19.83 44.24 -26.71
C TYR A 115 18.59 44.25 -25.81
N PRO A 116 17.45 44.85 -26.24
CA PRO A 116 17.32 45.45 -27.56
C PRO A 116 17.60 46.97 -27.67
N CYS A 117 18.22 47.53 -26.63
CA CYS A 117 18.35 48.97 -26.48
C CYS A 117 19.06 49.57 -27.70
N ASN A 118 20.18 48.98 -28.12
CA ASN A 118 20.97 49.51 -29.22
C ASN A 118 20.13 49.55 -30.49
N HIS A 119 19.55 48.39 -30.83
CA HIS A 119 18.71 48.28 -32.01
C HIS A 119 17.57 49.29 -31.95
N VAL A 120 16.97 49.46 -30.78
CA VAL A 120 15.81 50.35 -30.67
C VAL A 120 16.27 51.80 -30.81
N MET A 121 17.40 52.13 -30.20
CA MET A 121 17.93 53.48 -30.31
C MET A 121 18.20 53.81 -31.79
N LEU A 122 18.85 52.91 -32.53
CA LEU A 122 19.17 53.14 -33.93
C LEU A 122 17.89 53.34 -34.74
N SER A 123 16.94 52.43 -34.57
CA SER A 123 15.69 52.48 -35.31
C SER A 123 15.00 53.81 -35.08
N CYS A 124 14.95 54.28 -33.84
CA CYS A 124 14.30 55.54 -33.53
C CYS A 124 15.10 56.75 -34.03
N CYS A 125 16.42 56.56 -34.18
CA CYS A 125 17.28 57.63 -34.64
C CYS A 125 17.18 57.81 -36.16
N GLU A 126 16.97 56.72 -36.89
CA GLU A 126 17.04 56.74 -38.33
C GLU A 126 15.64 56.86 -38.91
N GLY A 127 14.62 56.73 -38.07
CA GLY A 127 13.29 56.35 -38.55
C GLY A 127 12.22 57.28 -38.04
N SER B 9 27.82 67.30 -26.83
CA SER B 9 26.78 66.70 -27.70
C SER B 9 26.07 65.55 -26.97
N THR B 10 24.89 65.21 -27.49
CA THR B 10 24.10 64.12 -26.94
C THR B 10 24.81 62.79 -27.15
N LYS B 11 25.44 62.63 -28.32
CA LYS B 11 26.16 61.40 -28.63
C LYS B 11 27.30 61.18 -27.64
N ASP B 12 28.08 62.23 -27.38
CA ASP B 12 29.22 62.13 -26.48
C ASP B 12 28.75 61.90 -25.04
N LEU B 13 27.62 62.50 -24.68
CA LEU B 13 27.10 62.34 -23.34
C LEU B 13 26.68 60.89 -23.11
N ILE B 14 26.09 60.28 -24.16
CA ILE B 14 25.66 58.89 -24.11
C ILE B 14 26.89 58.00 -23.90
N GLU B 15 27.94 58.24 -24.70
CA GLU B 15 29.16 57.48 -24.60
CA GLU B 15 29.17 57.47 -24.60
C GLU B 15 29.75 57.61 -23.19
N THR B 16 29.81 58.85 -22.67
CA THR B 16 30.37 59.12 -21.37
C THR B 16 29.62 58.36 -20.28
N CYS B 17 28.29 58.54 -20.26
CA CYS B 17 27.46 57.94 -19.24
C CYS B 17 27.40 56.42 -19.37
N CYS B 18 27.44 55.95 -20.62
CA CYS B 18 27.56 54.53 -20.88
C CYS B 18 28.82 53.94 -20.26
N ALA B 19 29.97 54.59 -20.46
CA ALA B 19 31.23 54.09 -19.91
C ALA B 19 31.19 54.10 -18.39
N ALA B 20 30.58 55.13 -17.79
CA ALA B 20 30.41 55.15 -16.34
C ALA B 20 29.60 53.94 -15.86
N GLY B 21 28.50 53.64 -16.57
CA GLY B 21 27.66 52.51 -16.22
C GLY B 21 28.44 51.18 -16.27
N GLN B 22 29.15 50.97 -17.38
CA GLN B 22 29.99 49.78 -17.52
C GLN B 22 30.98 49.69 -16.37
N GLN B 23 31.61 50.82 -16.04
CA GLN B 23 32.62 50.87 -15.00
C GLN B 23 31.99 50.51 -13.66
N TRP B 24 30.78 51.02 -13.42
CA TRP B 24 30.07 50.67 -12.19
C TRP B 24 29.78 49.16 -12.14
N ALA B 25 29.40 48.58 -13.28
CA ALA B 25 29.11 47.16 -13.34
C ALA B 25 30.35 46.34 -13.01
N ILE B 26 31.51 46.74 -13.55
CA ILE B 26 32.77 46.05 -13.30
C ILE B 26 33.13 46.17 -11.81
N ASP B 27 32.95 47.36 -11.24
CA ASP B 27 33.36 47.62 -9.86
C ASP B 27 32.48 46.84 -8.88
N ASN B 28 31.15 46.98 -9.03
CA ASN B 28 30.15 46.32 -8.22
C ASN B 28 29.31 45.46 -9.14
N ASP B 29 28.74 44.39 -8.65
CA ASP B 29 28.06 43.47 -9.53
C ASP B 29 26.56 43.83 -9.55
N GLU B 30 26.23 45.12 -9.60
CA GLU B 30 24.82 45.52 -9.55
C GLU B 30 24.64 46.88 -10.22
N CYS B 31 23.41 47.17 -10.62
CA CYS B 31 23.04 48.43 -11.25
C CYS B 31 21.82 49.02 -10.55
N GLN B 32 21.46 48.52 -9.35
CA GLN B 32 20.19 48.89 -8.74
C GLN B 32 20.32 50.25 -8.08
N GLU B 33 21.50 50.51 -7.50
CA GLU B 33 21.89 51.82 -6.96
C GLU B 33 22.99 52.37 -7.85
N ILE B 34 22.56 52.82 -9.03
CA ILE B 34 23.44 53.47 -9.98
C ILE B 34 23.41 54.97 -9.68
N PRO B 35 24.52 55.56 -9.16
CA PRO B 35 24.52 56.96 -8.74
C PRO B 35 25.03 57.91 -9.80
N GLN B 40 21.63 65.56 -12.91
CA GLN B 40 21.92 64.47 -13.88
C GLN B 40 20.77 64.37 -14.88
N SER B 41 21.12 64.35 -16.18
CA SER B 41 20.11 64.35 -17.24
C SER B 41 19.52 62.95 -17.45
N ASP B 42 18.31 62.89 -18.00
CA ASP B 42 17.62 61.66 -18.35
C ASP B 42 18.48 60.82 -19.30
N ILE B 43 19.05 61.49 -20.32
CA ILE B 43 19.88 60.85 -21.32
C ILE B 43 21.02 60.09 -20.64
N CYS B 44 21.68 60.76 -19.70
CA CYS B 44 22.81 60.20 -18.98
C CYS B 44 22.36 59.03 -18.11
N ARG B 45 21.27 59.20 -17.37
CA ARG B 45 20.81 58.15 -16.46
C ARG B 45 20.41 56.89 -17.24
N ILE B 46 19.76 57.09 -18.39
CA ILE B 46 19.33 55.96 -19.22
C ILE B 46 20.56 55.21 -19.71
N ALA B 47 21.54 55.94 -20.28
CA ALA B 47 22.74 55.32 -20.84
C ALA B 47 23.55 54.58 -19.76
N GLN B 48 23.64 55.17 -18.57
CA GLN B 48 24.38 54.57 -17.47
C GLN B 48 23.75 53.23 -17.11
N ARG B 49 22.44 53.26 -16.85
CA ARG B 49 21.72 52.09 -16.42
CA ARG B 49 21.72 52.08 -16.42
C ARG B 49 21.79 51.00 -17.49
N GLN B 50 21.56 51.40 -18.76
CA GLN B 50 21.48 50.42 -19.83
C GLN B 50 22.83 49.73 -20.03
N CYS B 51 23.93 50.51 -19.97
CA CYS B 51 25.25 49.93 -20.20
C CYS B 51 25.69 49.11 -18.98
N CYS B 52 25.22 49.49 -17.79
CA CYS B 52 25.49 48.72 -16.60
C CYS B 52 24.83 47.35 -16.72
N ILE B 53 23.53 47.35 -17.06
CA ILE B 53 22.74 46.13 -17.15
C ILE B 53 23.28 45.23 -18.25
N SER B 54 23.57 45.80 -19.43
CA SER B 54 24.08 45.00 -20.54
C SER B 54 25.35 44.26 -20.16
N TYR B 55 26.26 44.93 -19.44
CA TYR B 55 27.53 44.34 -19.08
C TYR B 55 27.28 43.13 -18.17
N LEU B 56 26.47 43.31 -17.13
CA LEU B 56 26.15 42.24 -16.20
C LEU B 56 25.39 41.13 -16.90
N LYS B 57 24.52 41.46 -17.85
CA LYS B 57 23.76 40.45 -18.57
C LYS B 57 24.70 39.60 -19.42
N GLU B 58 25.61 40.25 -20.16
CA GLU B 58 26.47 39.53 -21.07
C GLU B 58 27.42 38.64 -20.27
N LYS B 59 27.91 39.15 -19.14
CA LYS B 59 28.86 38.45 -18.31
C LYS B 59 28.20 37.21 -17.71
N SER B 60 27.03 37.39 -17.08
CA SER B 60 26.32 36.29 -16.48
C SER B 60 25.91 35.28 -17.55
N CYS B 61 25.50 35.75 -18.73
CA CYS B 61 25.19 34.84 -19.82
C CYS B 61 26.37 33.96 -20.19
N VAL B 62 27.56 34.55 -20.38
CA VAL B 62 28.74 33.79 -20.80
C VAL B 62 29.12 32.78 -19.71
N ALA B 63 29.00 33.18 -18.43
CA ALA B 63 29.27 32.28 -17.31
C ALA B 63 28.28 31.11 -17.35
N GLY B 64 27.00 31.43 -17.62
CA GLY B 64 25.94 30.44 -17.75
C GLY B 64 26.25 29.39 -18.80
N VAL B 65 26.66 29.86 -19.99
CA VAL B 65 27.00 28.98 -21.10
C VAL B 65 28.13 28.04 -20.68
N MET B 66 29.16 28.57 -20.04
CA MET B 66 30.30 27.77 -19.64
C MET B 66 29.87 26.72 -18.62
N GLY B 67 29.02 27.13 -17.67
CA GLY B 67 28.42 26.23 -16.70
C GLY B 67 27.75 25.01 -17.35
N ALA B 68 26.90 25.27 -18.35
CA ALA B 68 26.21 24.20 -19.03
C ALA B 68 27.21 23.28 -19.72
N LYS B 69 28.23 23.83 -20.37
CA LYS B 69 29.18 23.01 -21.11
C LYS B 69 30.03 22.15 -20.17
N GLU B 70 30.17 22.59 -18.91
CA GLU B 70 30.94 21.90 -17.88
C GLU B 70 30.05 20.90 -17.11
N GLY B 71 28.81 20.77 -17.47
CA GLY B 71 27.95 19.71 -16.97
C GLY B 71 26.99 20.18 -15.90
N GLU B 72 26.84 21.50 -15.67
CA GLU B 72 25.80 21.97 -14.75
C GLU B 72 24.43 21.90 -15.42
N THR B 73 23.39 21.65 -14.61
CA THR B 73 22.03 21.34 -15.06
C THR B 73 21.15 22.37 -14.36
N CYS B 74 20.83 23.48 -15.05
CA CYS B 74 20.29 24.64 -14.38
C CYS B 74 18.79 24.54 -14.17
N GLY B 75 18.10 23.59 -14.81
CA GLY B 75 16.64 23.60 -14.85
C GLY B 75 15.96 23.07 -13.59
N CYS B 82 13.73 39.21 -10.66
CA CYS B 82 13.91 40.52 -10.00
C CYS B 82 15.40 40.86 -9.87
N GLY B 83 16.27 40.18 -10.64
CA GLY B 83 17.64 40.66 -10.89
C GLY B 83 17.85 40.96 -12.38
N VAL B 84 19.11 40.98 -12.83
CA VAL B 84 19.40 41.01 -14.26
C VAL B 84 20.27 39.83 -14.70
N SER B 85 20.57 38.87 -13.82
CA SER B 85 21.45 37.77 -14.19
C SER B 85 20.82 36.87 -15.25
N LEU B 86 21.57 36.59 -16.34
CA LEU B 86 21.15 35.60 -17.31
C LEU B 86 21.86 34.27 -17.11
N TYR B 87 22.38 34.02 -15.92
CA TYR B 87 23.15 32.82 -15.71
C TYR B 87 22.28 31.62 -16.05
N LYS B 88 21.14 31.55 -15.37
CA LYS B 88 20.22 30.44 -15.46
C LYS B 88 19.65 30.33 -16.87
N GLN B 89 19.19 31.44 -17.42
CA GLN B 89 18.62 31.47 -18.75
C GLN B 89 19.61 30.92 -19.78
N CYS B 90 20.84 31.43 -19.77
CA CYS B 90 21.82 31.03 -20.77
C CYS B 90 22.30 29.59 -20.52
N CYS B 91 22.39 29.18 -19.25
CA CYS B 91 22.69 27.79 -18.91
C CYS B 91 21.59 26.85 -19.46
N ASP B 92 20.32 27.18 -19.21
CA ASP B 92 19.20 26.37 -19.67
C ASP B 92 19.16 26.31 -21.19
N CYS B 93 19.31 27.46 -21.86
CA CYS B 93 19.21 27.54 -23.31
C CYS B 93 20.38 26.80 -23.98
N CYS B 94 21.57 26.93 -23.40
CA CYS B 94 22.71 26.16 -23.86
C CYS B 94 22.38 24.66 -23.72
N GLY B 95 21.81 24.28 -22.58
CA GLY B 95 21.45 22.89 -22.28
C GLY B 95 20.51 22.29 -23.33
N LEU B 96 19.60 23.11 -23.86
CA LEU B 96 18.73 22.68 -24.94
C LEU B 96 19.57 22.23 -26.14
N GLY B 97 20.51 23.09 -26.55
CA GLY B 97 21.35 22.84 -27.70
C GLY B 97 22.22 21.61 -27.49
N LEU B 98 22.76 21.46 -26.27
CA LEU B 98 23.62 20.33 -25.96
C LEU B 98 22.85 19.03 -26.11
N ARG B 99 21.61 19.01 -25.61
CA ARG B 99 20.82 17.79 -25.57
C ARG B 99 20.44 17.37 -26.99
N VAL B 100 20.16 18.34 -27.86
CA VAL B 100 19.84 18.10 -29.26
C VAL B 100 21.07 17.51 -29.95
N ARG B 101 22.24 18.13 -29.71
CA ARG B 101 23.48 17.69 -30.31
C ARG B 101 23.81 16.28 -29.84
N ALA B 102 23.58 16.01 -28.54
CA ALA B 102 23.85 14.72 -27.94
C ALA B 102 23.01 13.61 -28.58
N GLU B 103 21.85 13.97 -29.13
CA GLU B 103 20.97 13.01 -29.80
C GLU B 103 21.37 12.81 -31.27
N GLY B 104 22.43 13.48 -31.71
CA GLY B 104 22.92 13.32 -33.08
C GLY B 104 22.10 14.14 -34.08
N GLN B 105 21.25 15.05 -33.59
CA GLN B 105 20.35 15.79 -34.47
C GLN B 105 20.94 17.17 -34.77
N SER B 106 20.50 17.72 -35.90
CA SER B 106 20.91 19.03 -36.36
C SER B 106 20.09 20.11 -35.66
N CYS B 107 20.72 21.27 -35.51
CA CYS B 107 20.13 22.37 -34.78
C CYS B 107 19.22 23.18 -35.70
N GLU B 108 18.07 23.62 -35.16
CA GLU B 108 17.18 24.49 -35.92
C GLU B 108 16.97 25.79 -35.14
N SER B 109 17.22 26.91 -35.81
CA SER B 109 16.94 28.24 -35.26
C SER B 109 15.47 28.32 -34.86
N ASN B 110 15.20 28.79 -33.63
CA ASN B 110 13.83 29.07 -33.21
C ASN B 110 13.80 30.47 -32.60
N PRO B 111 13.60 31.51 -33.42
CA PRO B 111 13.56 32.90 -32.93
C PRO B 111 12.54 33.16 -31.82
N ASN B 112 11.52 32.32 -31.71
CA ASN B 112 10.52 32.52 -30.67
C ASN B 112 11.13 32.34 -29.27
N LEU B 113 12.25 31.64 -29.17
CA LEU B 113 12.97 31.50 -27.90
C LEU B 113 13.50 32.84 -27.40
N GLY B 114 13.64 33.80 -28.32
CA GLY B 114 14.08 35.14 -27.99
C GLY B 114 15.60 35.22 -28.00
N TYR B 115 16.10 36.40 -27.60
CA TYR B 115 17.52 36.70 -27.52
C TYR B 115 17.90 36.90 -26.06
N PRO B 116 18.98 36.29 -25.54
CA PRO B 116 19.90 35.49 -26.34
C PRO B 116 19.66 33.99 -26.39
N CYS B 117 18.48 33.51 -25.94
CA CYS B 117 18.25 32.08 -25.79
C CYS B 117 18.52 31.34 -27.11
N ASN B 118 17.93 31.82 -28.19
CA ASN B 118 18.04 31.16 -29.49
C ASN B 118 19.51 31.06 -29.91
N HIS B 119 20.19 32.21 -29.90
CA HIS B 119 21.59 32.28 -30.27
C HIS B 119 22.41 31.34 -29.40
N VAL B 120 22.12 31.30 -28.11
CA VAL B 120 22.91 30.49 -27.20
C VAL B 120 22.64 29.01 -27.46
N MET B 121 21.37 28.67 -27.68
CA MET B 121 21.04 27.29 -27.98
C MET B 121 21.79 26.82 -29.22
N LEU B 122 21.77 27.62 -30.28
CA LEU B 122 22.41 27.25 -31.54
C LEU B 122 23.91 27.07 -31.34
N SER B 123 24.54 28.04 -30.69
CA SER B 123 25.97 28.00 -30.46
C SER B 123 26.35 26.71 -29.73
N CYS B 124 25.59 26.36 -28.69
CA CYS B 124 25.90 25.15 -27.93
C CYS B 124 25.57 23.88 -28.71
N CYS B 125 24.65 23.98 -29.68
CA CYS B 125 24.26 22.84 -30.47
C CYS B 125 25.30 22.54 -31.56
N GLU B 126 25.97 23.57 -32.09
CA GLU B 126 26.80 23.43 -33.28
C GLU B 126 28.25 23.17 -32.87
N GLY B 127 28.98 22.43 -33.71
CA GLY B 127 30.33 22.03 -33.36
C GLY B 127 31.09 21.50 -34.56
N SER C 9 -0.56 -15.43 23.85
CA SER C 9 0.82 -15.50 23.32
C SER C 9 1.40 -14.09 23.17
N THR C 10 2.74 -14.04 23.09
CA THR C 10 3.44 -12.79 22.93
C THR C 10 3.15 -12.21 21.54
N LYS C 11 3.05 -13.07 20.53
CA LYS C 11 2.76 -12.63 19.17
C LYS C 11 1.40 -11.93 19.13
N ASP C 12 0.37 -12.53 19.75
CA ASP C 12 -0.97 -11.99 19.72
C ASP C 12 -1.03 -10.70 20.56
N LEU C 13 -0.25 -10.65 21.64
CA LEU C 13 -0.25 -9.48 22.50
C LEU C 13 0.32 -8.28 21.72
N ILE C 14 1.36 -8.57 20.91
CA ILE C 14 1.99 -7.54 20.09
C ILE C 14 0.99 -7.02 19.09
N GLU C 15 0.27 -7.92 18.40
CA GLU C 15 -0.75 -7.55 17.43
C GLU C 15 -1.82 -6.69 18.12
N THR C 16 -2.28 -7.11 19.29
CA THR C 16 -3.33 -6.42 20.02
C THR C 16 -2.87 -5.00 20.38
N CYS C 17 -1.71 -4.89 21.00
CA CYS C 17 -1.20 -3.61 21.49
C CYS C 17 -0.78 -2.72 20.32
N CYS C 18 -0.30 -3.35 19.25
CA CYS C 18 -0.04 -2.62 18.03
C CYS C 18 -1.32 -1.95 17.49
N ALA C 19 -2.43 -2.69 17.43
CA ALA C 19 -3.68 -2.13 16.94
C ALA C 19 -4.17 -1.02 17.84
N ALA C 20 -3.99 -1.17 19.17
CA ALA C 20 -4.33 -0.10 20.09
C ALA C 20 -3.52 1.17 19.78
N GLY C 21 -2.22 1.02 19.52
CA GLY C 21 -1.36 2.13 19.20
C GLY C 21 -1.81 2.85 17.93
N GLN C 22 -2.07 2.09 16.87
CA GLN C 22 -2.58 2.64 15.63
C GLN C 22 -3.86 3.44 15.90
N GLN C 23 -4.75 2.84 16.69
CA GLN C 23 -6.02 3.47 17.02
C GLN C 23 -5.78 4.77 17.78
N TRP C 24 -4.83 4.77 18.71
CA TRP C 24 -4.51 5.98 19.42
C TRP C 24 -3.98 7.07 18.47
N ALA C 25 -3.17 6.66 17.48
CA ALA C 25 -2.63 7.60 16.51
C ALA C 25 -3.75 8.24 15.72
N ILE C 26 -4.73 7.44 15.29
CA ILE C 26 -5.89 7.94 14.54
C ILE C 26 -6.70 8.91 15.42
N ASP C 27 -6.91 8.56 16.68
CA ASP C 27 -7.75 9.32 17.58
C ASP C 27 -7.10 10.68 17.91
N ASN C 28 -5.82 10.67 18.33
CA ASN C 28 -5.17 11.88 18.79
C ASN C 28 -4.06 12.53 17.96
N ASP C 29 -3.50 11.86 16.97
CA ASP C 29 -2.45 12.48 16.18
C ASP C 29 -1.16 12.67 16.99
N GLU C 30 -1.00 11.94 18.08
CA GLU C 30 0.21 11.99 18.90
C GLU C 30 0.33 10.68 19.67
N CYS C 31 1.52 10.40 20.22
CA CYS C 31 1.78 9.15 20.92
C CYS C 31 2.32 9.40 22.33
N GLN C 32 2.23 10.64 22.83
CA GLN C 32 3.01 11.07 23.98
C GLN C 32 2.34 10.57 25.25
N GLU C 33 1.00 10.59 25.27
CA GLU C 33 0.23 10.18 26.45
C GLU C 33 -0.53 8.91 26.12
N ILE C 34 0.22 7.83 25.86
CA ILE C 34 -0.40 6.59 25.44
C ILE C 34 -0.67 5.73 26.68
N PRO C 35 -1.93 5.31 26.83
CA PRO C 35 -2.30 4.17 27.65
C PRO C 35 -3.59 3.52 27.12
N SER C 41 2.13 -4.44 30.55
CA SER C 41 3.43 -5.10 30.29
C SER C 41 4.28 -4.27 29.33
N ASP C 42 5.60 -4.44 29.45
CA ASP C 42 6.58 -3.77 28.62
C ASP C 42 6.33 -4.09 27.15
N ILE C 43 6.05 -5.37 26.86
CA ILE C 43 5.83 -5.84 25.51
C ILE C 43 4.69 -5.03 24.87
N CYS C 44 3.59 -4.87 25.61
CA CYS C 44 2.43 -4.15 25.15
C CYS C 44 2.75 -2.68 24.95
N ARG C 45 3.42 -2.06 25.93
CA ARG C 45 3.71 -0.63 25.85
C ARG C 45 4.63 -0.33 24.67
N ILE C 46 5.61 -1.21 24.42
CA ILE C 46 6.54 -1.03 23.32
C ILE C 46 5.78 -1.11 21.99
N ALA C 47 4.97 -2.15 21.82
CA ALA C 47 4.22 -2.36 20.58
C ALA C 47 3.25 -1.21 20.32
N GLN C 48 2.59 -0.73 21.37
CA GLN C 48 1.65 0.36 21.27
C GLN C 48 2.35 1.61 20.73
N ARG C 49 3.44 1.99 21.41
CA ARG C 49 4.17 3.19 21.08
C ARG C 49 4.71 3.09 19.65
N GLN C 50 5.31 1.94 19.34
CA GLN C 50 6.00 1.79 18.06
C GLN C 50 4.99 1.84 16.92
N CYS C 51 3.82 1.21 17.08
CA CYS C 51 2.81 1.22 16.03
C CYS C 51 2.13 2.58 15.95
N CYS C 52 2.04 3.30 17.05
CA CYS C 52 1.50 4.66 17.07
C CYS C 52 2.42 5.57 16.26
N ILE C 53 3.73 5.52 16.53
CA ILE C 53 4.70 6.35 15.87
C ILE C 53 4.77 6.00 14.37
N SER C 54 4.84 4.70 14.05
CA SER C 54 4.93 4.27 12.66
C SER C 54 3.74 4.80 11.84
N TYR C 55 2.54 4.79 12.42
CA TYR C 55 1.34 5.21 11.72
C TYR C 55 1.48 6.69 11.38
N LEU C 56 1.84 7.51 12.37
CA LEU C 56 1.98 8.94 12.16
C LEU C 56 3.12 9.22 11.16
N LYS C 57 4.20 8.44 11.24
CA LYS C 57 5.32 8.64 10.33
C LYS C 57 4.89 8.34 8.90
N GLU C 58 4.20 7.21 8.68
CA GLU C 58 3.88 6.82 7.32
C GLU C 58 2.84 7.78 6.74
N LYS C 59 1.92 8.24 7.56
CA LYS C 59 0.88 9.18 7.14
C LYS C 59 1.50 10.51 6.72
N SER C 60 2.37 11.07 7.60
CA SER C 60 3.01 12.34 7.30
C SER C 60 3.92 12.19 6.08
N CYS C 61 4.61 11.06 5.96
CA CYS C 61 5.45 10.81 4.79
C CYS C 61 4.64 10.85 3.49
N VAL C 62 3.49 10.15 3.44
CA VAL C 62 2.66 10.09 2.24
C VAL C 62 2.15 11.50 1.90
N ALA C 63 1.77 12.28 2.93
CA ALA C 63 1.32 13.65 2.72
C ALA C 63 2.48 14.48 2.12
N GLY C 64 3.69 14.28 2.68
CA GLY C 64 4.89 14.96 2.20
C GLY C 64 5.15 14.68 0.71
N VAL C 65 5.06 13.42 0.29
CA VAL C 65 5.27 13.04 -1.09
C VAL C 65 4.26 13.76 -2.00
N MET C 66 3.00 13.80 -1.57
CA MET C 66 1.96 14.43 -2.36
C MET C 66 2.23 15.92 -2.47
N GLY C 67 2.65 16.53 -1.35
CA GLY C 67 3.05 17.92 -1.30
C GLY C 67 4.11 18.26 -2.34
N ALA C 68 5.15 17.44 -2.44
CA ALA C 68 6.22 17.69 -3.40
C ALA C 68 5.67 17.63 -4.81
N LYS C 69 4.82 16.63 -5.09
CA LYS C 69 4.32 16.45 -6.45
C LYS C 69 3.39 17.60 -6.85
N GLU C 70 2.78 18.24 -5.87
CA GLU C 70 1.82 19.32 -6.07
C GLU C 70 2.53 20.69 -6.13
N GLY C 71 3.86 20.71 -5.92
CA GLY C 71 4.62 21.94 -6.02
C GLY C 71 4.71 22.72 -4.70
N GLU C 72 4.41 22.06 -3.58
CA GLU C 72 4.42 22.73 -2.29
C GLU C 72 5.86 22.92 -1.83
N THR C 73 6.12 23.98 -1.05
CA THR C 73 7.41 24.14 -0.38
C THR C 73 7.43 23.22 0.83
N CYS C 74 8.55 22.53 1.04
CA CYS C 74 8.61 21.48 2.05
C CYS C 74 8.91 22.07 3.43
N GLY C 75 9.42 23.31 3.48
CA GLY C 75 9.89 23.90 4.72
C GLY C 75 11.36 24.25 4.61
N GLY C 83 8.08 15.44 18.34
CA GLY C 83 7.28 15.19 17.12
C GLY C 83 7.88 14.05 16.30
N VAL C 84 7.09 13.50 15.37
CA VAL C 84 7.50 12.36 14.57
C VAL C 84 7.30 12.61 13.08
N SER C 85 6.94 13.84 12.67
CA SER C 85 6.44 14.06 11.33
C SER C 85 7.53 13.88 10.28
N LEU C 86 7.28 13.08 9.23
CA LEU C 86 8.17 12.99 8.10
C LEU C 86 7.69 13.82 6.93
N TYR C 87 6.85 14.82 7.19
CA TYR C 87 6.28 15.59 6.09
C TYR C 87 7.44 16.20 5.30
N LYS C 88 8.28 16.96 6.02
CA LYS C 88 9.35 17.72 5.40
C LYS C 88 10.37 16.79 4.78
N GLN C 89 10.77 15.75 5.52
CA GLN C 89 11.75 14.80 5.03
C GLN C 89 11.29 14.19 3.72
N CYS C 90 10.06 13.67 3.68
CA CYS C 90 9.57 12.97 2.52
C CYS C 90 9.32 13.95 1.37
N CYS C 91 8.89 15.18 1.69
CA CYS C 91 8.75 16.21 0.67
C CYS C 91 10.10 16.54 0.03
N ASP C 92 11.13 16.77 0.86
CA ASP C 92 12.47 17.05 0.37
C ASP C 92 13.00 15.91 -0.49
N CYS C 93 12.88 14.67 0.01
CA CYS C 93 13.47 13.53 -0.66
C CYS C 93 12.73 13.25 -1.98
N CYS C 94 11.41 13.41 -1.98
CA CYS C 94 10.65 13.29 -3.21
C CYS C 94 11.17 14.34 -4.19
N GLY C 95 11.35 15.56 -3.71
CA GLY C 95 11.79 16.68 -4.55
C GLY C 95 13.13 16.40 -5.24
N LEU C 96 14.03 15.69 -4.55
CA LEU C 96 15.29 15.29 -5.14
C LEU C 96 15.03 14.45 -6.40
N GLY C 97 14.18 13.43 -6.24
CA GLY C 97 13.88 12.50 -7.32
C GLY C 97 13.20 13.21 -8.48
N LEU C 98 12.26 14.12 -8.16
CA LEU C 98 11.53 14.84 -9.18
C LEU C 98 12.47 15.67 -10.03
N ARG C 99 13.44 16.34 -9.38
CA ARG C 99 14.30 17.28 -10.06
C ARG C 99 15.23 16.53 -11.03
N VAL C 100 15.69 15.34 -10.60
CA VAL C 100 16.55 14.51 -11.41
C VAL C 100 15.75 14.01 -12.62
N ARG C 101 14.53 13.54 -12.37
CA ARG C 101 13.66 13.02 -13.42
C ARG C 101 13.36 14.14 -14.43
N ALA C 102 13.11 15.34 -13.92
CA ALA C 102 12.78 16.50 -14.76
C ALA C 102 13.94 16.84 -15.70
N GLU C 103 15.17 16.50 -15.31
CA GLU C 103 16.35 16.75 -16.13
C GLU C 103 16.57 15.64 -17.16
N GLY C 104 15.70 14.63 -17.18
CA GLY C 104 15.80 13.54 -18.14
C GLY C 104 16.83 12.50 -17.72
N GLN C 105 17.30 12.54 -16.46
CA GLN C 105 18.35 11.64 -16.00
C GLN C 105 17.74 10.48 -15.22
N SER C 106 18.44 9.38 -15.09
CA SER C 106 18.01 8.27 -14.24
C SER C 106 18.48 8.53 -12.81
N CYS C 107 17.70 8.09 -11.83
CA CYS C 107 18.16 8.16 -10.46
C CYS C 107 18.95 6.91 -10.14
N GLU C 108 19.85 7.07 -9.16
CA GLU C 108 20.59 5.95 -8.58
C GLU C 108 20.29 5.87 -7.08
N SER C 109 20.03 4.65 -6.62
CA SER C 109 19.85 4.33 -5.22
C SER C 109 21.03 4.85 -4.40
N ASN C 110 20.73 5.58 -3.32
CA ASN C 110 21.74 6.04 -2.40
C ASN C 110 21.28 5.70 -0.98
N PRO C 111 21.60 4.48 -0.49
CA PRO C 111 21.20 4.07 0.86
C PRO C 111 21.68 4.98 1.99
N ASN C 112 22.71 5.78 1.75
CA ASN C 112 23.17 6.72 2.77
C ASN C 112 22.10 7.77 3.10
N LEU C 113 21.16 8.03 2.15
CA LEU C 113 20.05 8.95 2.40
C LEU C 113 19.13 8.41 3.50
N GLY C 114 19.19 7.10 3.76
CA GLY C 114 18.43 6.51 4.85
C GLY C 114 17.04 6.10 4.37
N TYR C 115 16.24 5.64 5.34
CA TYR C 115 14.87 5.21 5.13
C TYR C 115 13.94 6.18 5.85
N PRO C 116 12.86 6.68 5.22
CA PRO C 116 12.47 6.28 3.87
C PRO C 116 12.96 7.15 2.72
N CYS C 117 13.92 8.04 2.98
CA CYS C 117 14.32 9.07 2.03
C CYS C 117 14.74 8.42 0.69
N ASN C 118 15.59 7.41 0.75
CA ASN C 118 16.11 6.78 -0.46
C ASN C 118 14.96 6.23 -1.32
N HIS C 119 14.14 5.41 -0.67
CA HIS C 119 12.99 4.80 -1.31
C HIS C 119 12.07 5.89 -1.89
N VAL C 120 11.87 6.98 -1.15
CA VAL C 120 10.94 8.01 -1.60
C VAL C 120 11.55 8.75 -2.79
N MET C 121 12.85 9.03 -2.72
CA MET C 121 13.51 9.68 -3.83
C MET C 121 13.35 8.85 -5.10
N LEU C 122 13.60 7.55 -5.02
CA LEU C 122 13.56 6.66 -6.17
C LEU C 122 12.14 6.62 -6.73
N SER C 123 11.15 6.42 -5.87
CA SER C 123 9.77 6.35 -6.28
C SER C 123 9.38 7.63 -7.05
N CYS C 124 9.76 8.79 -6.54
CA CYS C 124 9.43 10.06 -7.19
C CYS C 124 10.24 10.26 -8.48
N CYS C 125 11.39 9.60 -8.57
CA CYS C 125 12.25 9.73 -9.72
C CYS C 125 11.78 8.85 -10.86
N GLU C 126 11.14 7.70 -10.56
CA GLU C 126 10.77 6.71 -11.55
C GLU C 126 9.26 6.80 -11.64
N GLY C 127 8.72 7.84 -12.28
CA GLY C 127 7.40 8.32 -11.88
C GLY C 127 7.43 8.65 -10.38
N HIS D 5 28.21 29.82 -8.39
CA HIS D 5 27.41 28.61 -8.70
C HIS D 5 28.26 27.36 -8.46
N HIS D 6 27.79 26.24 -8.99
CA HIS D 6 28.57 25.01 -9.00
C HIS D 6 28.49 24.46 -10.42
N HIS D 7 29.41 23.56 -10.77
CA HIS D 7 29.50 23.08 -12.13
C HIS D 7 29.32 21.57 -12.13
N MET D 8 28.09 21.17 -11.83
CA MET D 8 27.82 19.79 -11.47
C MET D 8 26.33 19.53 -11.64
N SER D 9 25.99 18.40 -12.27
CA SER D 9 24.60 17.96 -12.38
C SER D 9 23.93 17.88 -11.00
N THR D 10 22.60 17.82 -10.97
CA THR D 10 21.85 17.68 -9.72
C THR D 10 22.15 16.31 -9.08
N LYS D 11 22.28 15.28 -9.91
CA LYS D 11 22.56 13.94 -9.39
C LYS D 11 23.92 13.92 -8.68
N ASP D 12 24.93 14.51 -9.32
CA ASP D 12 26.28 14.53 -8.77
C ASP D 12 26.32 15.41 -7.51
N LEU D 13 25.54 16.48 -7.51
CA LEU D 13 25.54 17.38 -6.38
C LEU D 13 24.95 16.68 -5.17
N ILE D 14 23.94 15.84 -5.39
CA ILE D 14 23.30 15.07 -4.33
C ILE D 14 24.32 14.10 -3.74
N GLU D 15 25.04 13.38 -4.62
CA GLU D 15 26.07 12.44 -4.21
C GLU D 15 27.13 13.17 -3.36
N THR D 16 27.59 14.31 -3.87
CA THR D 16 28.66 15.08 -3.26
C THR D 16 28.22 15.55 -1.88
N CYS D 17 27.06 16.19 -1.81
CA CYS D 17 26.57 16.78 -0.58
C CYS D 17 26.17 15.71 0.41
N CYS D 18 25.68 14.58 -0.09
CA CYS D 18 25.43 13.42 0.75
C CYS D 18 26.72 12.97 1.45
N ALA D 19 27.80 12.80 0.68
CA ALA D 19 29.05 12.35 1.26
C ALA D 19 29.58 13.35 2.28
N ALA D 20 29.44 14.65 1.99
CA ALA D 20 29.84 15.69 2.92
C ALA D 20 29.08 15.57 4.23
N GLY D 21 27.76 15.36 4.14
CA GLY D 21 26.93 15.24 5.33
C GLY D 21 27.36 14.06 6.19
N GLN D 22 27.54 12.89 5.55
CA GLN D 22 28.01 11.72 6.27
C GLN D 22 29.33 12.04 6.98
N GLN D 23 30.23 12.70 6.25
CA GLN D 23 31.54 13.01 6.77
C GLN D 23 31.40 13.95 7.96
N TRP D 24 30.51 14.95 7.87
CA TRP D 24 30.28 15.84 8.98
C TRP D 24 29.77 15.06 10.20
N ALA D 25 28.88 14.08 9.99
CA ALA D 25 28.36 13.29 11.08
C ALA D 25 29.47 12.53 11.78
N ILE D 26 30.38 11.93 10.99
CA ILE D 26 31.50 11.17 11.53
C ILE D 26 32.43 12.11 12.32
N ASP D 27 32.70 13.29 11.77
CA ASP D 27 33.65 14.24 12.35
C ASP D 27 33.10 14.80 13.67
N ASN D 28 31.88 15.31 13.63
CA ASN D 28 31.19 15.91 14.76
C ASN D 28 29.93 15.07 14.99
N ASP D 29 29.43 15.03 16.21
CA ASP D 29 28.34 14.06 16.45
C ASP D 29 27.00 14.77 16.32
N GLU D 30 26.87 15.62 15.30
CA GLU D 30 25.73 16.51 15.14
C GLU D 30 25.58 16.88 13.67
N CYS D 31 24.42 17.45 13.33
CA CYS D 31 24.07 17.76 11.95
C CYS D 31 23.65 19.21 11.76
N GLN D 32 24.49 20.10 12.28
CA GLN D 32 24.33 21.54 12.12
C GLN D 32 24.69 21.95 10.67
N SER D 41 21.46 24.61 -4.30
CA SER D 41 21.96 24.98 -2.94
C SER D 41 21.05 24.43 -1.83
N ASP D 42 19.72 24.59 -1.97
CA ASP D 42 18.76 23.82 -1.18
C ASP D 42 18.97 22.32 -1.40
N ILE D 43 19.21 21.93 -2.65
CA ILE D 43 19.43 20.54 -3.02
C ILE D 43 20.59 19.96 -2.19
N CYS D 44 21.68 20.71 -2.12
CA CYS D 44 22.87 20.32 -1.40
C CYS D 44 22.59 20.25 0.10
N ARG D 45 21.92 21.27 0.64
CA ARG D 45 21.66 21.30 2.08
C ARG D 45 20.75 20.14 2.48
N ILE D 46 19.76 19.81 1.64
CA ILE D 46 18.85 18.70 1.93
C ILE D 46 19.63 17.39 1.97
N ALA D 47 20.45 17.14 0.93
CA ALA D 47 21.19 15.90 0.84
C ALA D 47 22.20 15.75 2.00
N GLN D 48 22.83 16.88 2.35
CA GLN D 48 23.80 16.91 3.43
C GLN D 48 23.13 16.49 4.74
N ARG D 49 22.05 17.19 5.07
CA ARG D 49 21.33 16.98 6.32
C ARG D 49 20.81 15.55 6.37
N GLN D 50 20.21 15.07 5.27
CA GLN D 50 19.59 13.76 5.28
C GLN D 50 20.65 12.66 5.51
N CYS D 51 21.80 12.79 4.84
CA CYS D 51 22.86 11.78 4.97
C CYS D 51 23.55 11.88 6.34
N CYS D 52 23.60 13.09 6.88
CA CYS D 52 24.15 13.33 8.21
C CYS D 52 23.28 12.63 9.25
N ILE D 53 21.98 12.88 9.18
CA ILE D 53 21.01 12.35 10.13
C ILE D 53 20.94 10.82 10.02
N SER D 54 20.89 10.29 8.79
CA SER D 54 20.83 8.84 8.61
C SER D 54 22.00 8.14 9.29
N TYR D 55 23.20 8.71 9.15
CA TYR D 55 24.39 8.12 9.73
C TYR D 55 24.25 8.04 11.26
N LEU D 56 23.88 9.17 11.89
CA LEU D 56 23.71 9.24 13.33
C LEU D 56 22.57 8.31 13.78
N LYS D 57 21.51 8.21 12.98
CA LYS D 57 20.38 7.36 13.32
C LYS D 57 20.80 5.89 13.30
N GLU D 58 21.51 5.48 12.25
CA GLU D 58 21.87 4.08 12.10
C GLU D 58 22.85 3.70 13.22
N LYS D 59 23.77 4.60 13.55
CA LYS D 59 24.75 4.38 14.60
C LYS D 59 24.08 4.22 15.96
N SER D 60 23.19 5.15 16.33
CA SER D 60 22.45 5.09 17.58
C SER D 60 21.59 3.82 17.65
N CYS D 61 20.97 3.46 16.51
CA CYS D 61 20.18 2.24 16.45
C CYS D 61 21.04 1.02 16.77
N VAL D 62 22.20 0.88 16.12
CA VAL D 62 23.06 -0.28 16.31
C VAL D 62 23.55 -0.34 17.77
N ALA D 63 23.85 0.83 18.36
CA ALA D 63 24.24 0.90 19.77
C ALA D 63 23.09 0.40 20.64
N GLY D 64 21.86 0.83 20.31
CA GLY D 64 20.67 0.39 21.00
C GLY D 64 20.50 -1.13 20.99
N VAL D 65 20.66 -1.74 19.81
CA VAL D 65 20.53 -3.19 19.66
C VAL D 65 21.56 -3.89 20.56
N MET D 66 22.80 -3.40 20.55
CA MET D 66 23.88 -4.02 21.31
C MET D 66 23.57 -3.90 22.79
N GLY D 67 23.07 -2.71 23.20
CA GLY D 67 22.62 -2.44 24.55
C GLY D 67 21.62 -3.50 25.05
N ALA D 68 20.60 -3.78 24.23
CA ALA D 68 19.59 -4.75 24.61
C ALA D 68 20.22 -6.13 24.78
N LYS D 69 21.09 -6.52 23.86
CA LYS D 69 21.68 -7.85 23.89
C LYS D 69 22.60 -8.02 25.10
N GLU D 70 23.15 -6.90 25.61
CA GLU D 70 24.09 -6.89 26.72
C GLU D 70 23.36 -6.76 28.05
N GLY D 71 22.03 -6.61 28.03
CA GLY D 71 21.26 -6.51 29.27
C GLY D 71 21.07 -5.07 29.79
N GLU D 72 21.49 -4.08 28.99
CA GLU D 72 21.46 -2.69 29.41
C GLU D 72 20.04 -2.15 29.30
N THR D 73 19.77 -1.14 30.11
CA THR D 73 18.50 -0.43 30.15
C THR D 73 18.36 0.46 28.91
N CYS D 74 17.15 0.45 28.34
CA CYS D 74 16.86 1.24 27.16
C CYS D 74 16.60 2.71 27.52
N GLY D 75 16.33 3.00 28.80
CA GLY D 75 15.96 4.34 29.25
C GLY D 75 14.50 4.40 29.70
N ALA D 76 14.11 5.52 30.32
CA ALA D 76 12.76 5.68 30.87
C ALA D 76 12.10 4.31 31.08
N SER D 85 14.11 8.81 20.44
CA SER D 85 15.52 8.31 20.47
C SER D 85 15.62 7.01 19.68
N LEU D 86 16.61 6.91 18.78
CA LEU D 86 16.81 5.65 18.07
C LEU D 86 17.61 4.66 18.92
N TYR D 87 18.39 5.15 19.90
CA TYR D 87 18.98 4.23 20.85
C TYR D 87 17.84 3.48 21.54
N LYS D 88 16.90 4.25 22.11
CA LYS D 88 15.85 3.68 22.94
C LYS D 88 14.91 2.83 22.07
N GLN D 89 14.53 3.36 20.92
CA GLN D 89 13.65 2.65 20.01
C GLN D 89 14.23 1.28 19.64
N CYS D 90 15.49 1.25 19.21
CA CYS D 90 16.10 0.02 18.75
C CYS D 90 16.36 -0.93 19.93
N CYS D 91 16.71 -0.38 21.09
CA CYS D 91 16.85 -1.19 22.30
C CYS D 91 15.51 -1.85 22.67
N ASP D 92 14.43 -1.07 22.69
CA ASP D 92 13.10 -1.59 23.01
C ASP D 92 12.66 -2.65 21.99
N CYS D 93 12.83 -2.36 20.70
CA CYS D 93 12.38 -3.26 19.65
C CYS D 93 13.20 -4.57 19.67
N CYS D 94 14.49 -4.46 19.90
CA CYS D 94 15.31 -5.65 20.08
C CYS D 94 14.76 -6.45 21.26
N GLY D 95 14.44 -5.77 22.36
CA GLY D 95 13.91 -6.40 23.56
C GLY D 95 12.63 -7.19 23.30
N LEU D 96 11.77 -6.70 22.39
CA LEU D 96 10.58 -7.43 22.00
C LEU D 96 10.98 -8.80 21.44
N GLY D 97 11.93 -8.80 20.50
CA GLY D 97 12.38 -10.01 19.84
C GLY D 97 13.02 -10.97 20.83
N LEU D 98 13.81 -10.43 21.77
CA LEU D 98 14.48 -11.24 22.77
C LEU D 98 13.44 -11.96 23.63
N ARG D 99 12.39 -11.25 24.03
CA ARG D 99 11.40 -11.77 24.97
C ARG D 99 10.60 -12.88 24.30
N VAL D 100 10.29 -12.71 23.01
CA VAL D 100 9.58 -13.71 22.24
C VAL D 100 10.43 -14.96 22.11
N ARG D 101 11.71 -14.77 21.78
CA ARG D 101 12.64 -15.88 21.61
C ARG D 101 12.79 -16.62 22.94
N ALA D 102 12.88 -15.86 24.04
CA ALA D 102 13.06 -16.42 25.37
C ALA D 102 11.89 -17.32 25.74
N GLU D 103 10.71 -17.04 25.18
CA GLU D 103 9.50 -17.82 25.48
C GLU D 103 9.41 -19.06 24.58
N GLY D 104 10.40 -19.26 23.70
CA GLY D 104 10.42 -20.43 22.83
C GLY D 104 9.50 -20.30 21.63
N GLN D 105 9.03 -19.07 21.36
CA GLN D 105 8.10 -18.84 20.27
C GLN D 105 8.84 -18.34 19.04
N SER D 106 8.22 -18.56 17.88
CA SER D 106 8.79 -18.18 16.60
C SER D 106 8.49 -16.72 16.31
N CYS D 107 9.40 -16.10 15.58
CA CYS D 107 9.28 -14.68 15.26
C CYS D 107 8.38 -14.50 14.04
N GLU D 108 7.51 -13.49 14.09
CA GLU D 108 6.67 -13.17 12.95
C GLU D 108 6.88 -11.69 12.63
N SER D 109 7.17 -11.40 11.36
CA SER D 109 7.26 -10.04 10.86
C SER D 109 5.98 -9.29 11.18
N ASN D 110 6.11 -8.08 11.75
CA ASN D 110 4.98 -7.22 12.00
C ASN D 110 5.32 -5.82 11.45
N PRO D 111 5.05 -5.58 10.15
CA PRO D 111 5.32 -4.29 9.53
C PRO D 111 4.69 -3.08 10.21
N ASN D 112 3.63 -3.29 10.99
CA ASN D 112 3.00 -2.19 11.69
C ASN D 112 3.95 -1.55 12.71
N LEU D 113 4.94 -2.31 13.18
CA LEU D 113 5.94 -1.79 14.11
C LEU D 113 6.80 -0.71 13.44
N GLY D 114 6.85 -0.72 12.10
CA GLY D 114 7.57 0.30 11.35
C GLY D 114 9.03 -0.08 11.17
N TYR D 115 9.78 0.89 10.64
CA TYR D 115 11.21 0.75 10.39
C TYR D 115 11.95 1.72 11.30
N PRO D 116 13.04 1.30 11.99
CA PRO D 116 13.59 -0.04 11.87
C PRO D 116 13.12 -1.09 12.88
N CYS D 117 12.04 -0.78 13.61
CA CYS D 117 11.63 -1.59 14.73
C CYS D 117 11.39 -3.03 14.32
N ASN D 118 10.64 -3.25 13.24
CA ASN D 118 10.29 -4.60 12.81
C ASN D 118 11.56 -5.40 12.50
N HIS D 119 12.42 -4.83 11.65
CA HIS D 119 13.66 -5.47 11.27
C HIS D 119 14.50 -5.79 12.51
N VAL D 120 14.53 -4.85 13.46
CA VAL D 120 15.37 -5.04 14.62
C VAL D 120 14.79 -6.13 15.51
N MET D 121 13.47 -6.12 15.67
CA MET D 121 12.82 -7.14 16.47
C MET D 121 13.13 -8.53 15.89
N LEU D 122 12.98 -8.69 14.58
CA LEU D 122 13.19 -9.98 13.94
C LEU D 122 14.62 -10.44 14.14
N SER D 123 15.59 -9.54 13.85
CA SER D 123 16.98 -9.88 13.99
C SER D 123 17.29 -10.38 15.41
N CYS D 124 16.78 -9.68 16.42
CA CYS D 124 17.04 -10.07 17.79
C CYS D 124 16.29 -11.34 18.19
N CYS D 125 15.19 -11.62 17.49
CA CYS D 125 14.40 -12.80 17.79
C CYS D 125 15.02 -14.07 17.21
N GLU D 126 15.72 -13.94 16.07
CA GLU D 126 16.18 -15.11 15.32
C GLU D 126 17.60 -15.51 15.78
N MET E 1 -25.70 -46.23 4.24
CA MET E 1 -26.89 -45.49 3.72
C MET E 1 -26.78 -45.28 2.22
N HIS E 2 -27.88 -45.51 1.53
CA HIS E 2 -27.98 -45.15 0.12
C HIS E 2 -27.88 -43.64 0.03
N HIS E 3 -27.16 -43.19 -1.01
CA HIS E 3 -27.11 -41.79 -1.41
C HIS E 3 -27.30 -41.73 -2.91
N HIS E 4 -27.76 -40.57 -3.41
CA HIS E 4 -27.78 -40.30 -4.85
C HIS E 4 -26.41 -39.76 -5.27
N HIS E 5 -25.73 -40.50 -6.16
CA HIS E 5 -24.46 -40.08 -6.72
C HIS E 5 -24.67 -39.44 -8.09
N HIS E 6 -23.91 -38.39 -8.41
CA HIS E 6 -23.88 -37.92 -9.77
C HIS E 6 -22.44 -37.84 -10.25
N HIS E 7 -22.29 -37.94 -11.56
CA HIS E 7 -20.98 -38.06 -12.18
C HIS E 7 -20.87 -36.99 -13.27
N MET E 8 -21.30 -35.78 -12.91
CA MET E 8 -21.24 -34.64 -13.82
C MET E 8 -19.80 -34.15 -13.84
N SER E 9 -19.28 -33.83 -15.03
CA SER E 9 -17.95 -33.23 -15.12
C SER E 9 -17.88 -31.93 -14.32
N THR E 10 -16.65 -31.52 -13.98
CA THR E 10 -16.43 -30.28 -13.26
C THR E 10 -16.85 -29.09 -14.13
N LYS E 11 -16.56 -29.17 -15.45
CA LYS E 11 -16.90 -28.08 -16.35
C LYS E 11 -18.42 -27.87 -16.36
N ASP E 12 -19.19 -28.96 -16.48
CA ASP E 12 -20.62 -28.88 -16.57
C ASP E 12 -21.21 -28.41 -15.24
N LEU E 13 -20.59 -28.83 -14.15
CA LEU E 13 -21.10 -28.49 -12.83
C LEU E 13 -20.95 -26.99 -12.61
N ILE E 14 -19.83 -26.44 -13.09
CA ILE E 14 -19.55 -25.02 -12.97
C ILE E 14 -20.62 -24.23 -13.75
N GLU E 15 -20.87 -24.66 -15.00
CA GLU E 15 -21.86 -24.03 -15.85
C GLU E 15 -23.22 -24.06 -15.16
N THR E 16 -23.60 -25.24 -14.64
CA THR E 16 -24.91 -25.45 -14.05
C THR E 16 -25.08 -24.53 -12.85
N CYS E 17 -24.11 -24.60 -11.92
CA CYS E 17 -24.19 -23.87 -10.66
C CYS E 17 -24.06 -22.38 -10.91
N CYS E 18 -23.29 -22.00 -11.92
CA CYS E 18 -23.20 -20.61 -12.33
C CYS E 18 -24.57 -20.09 -12.75
N ALA E 19 -25.27 -20.83 -13.62
CA ALA E 19 -26.59 -20.39 -14.08
C ALA E 19 -27.57 -20.29 -12.92
N ALA E 20 -27.50 -21.26 -11.98
CA ALA E 20 -28.34 -21.21 -10.80
C ALA E 20 -28.10 -19.93 -10.00
N GLY E 21 -26.82 -19.58 -9.80
CA GLY E 21 -26.43 -18.41 -9.03
C GLY E 21 -26.99 -17.14 -9.67
N GLN E 22 -26.77 -17.01 -10.98
CA GLN E 22 -27.27 -15.85 -11.70
C GLN E 22 -28.80 -15.75 -11.52
N GLN E 23 -29.46 -16.90 -11.66
CA GLN E 23 -30.91 -16.94 -11.57
C GLN E 23 -31.35 -16.54 -10.16
N TRP E 24 -30.63 -17.00 -9.15
CA TRP E 24 -30.92 -16.59 -7.78
C TRP E 24 -30.79 -15.08 -7.61
N ALA E 25 -29.75 -14.50 -8.21
CA ALA E 25 -29.53 -13.06 -8.11
C ALA E 25 -30.70 -12.29 -8.73
N ILE E 26 -31.15 -12.75 -9.90
CA ILE E 26 -32.26 -12.12 -10.60
C ILE E 26 -33.54 -12.24 -9.76
N ASP E 27 -33.79 -13.41 -9.18
CA ASP E 27 -35.02 -13.68 -8.44
C ASP E 27 -35.06 -12.85 -7.15
N ASN E 28 -34.00 -12.94 -6.36
CA ASN E 28 -33.85 -12.25 -5.09
C ASN E 28 -32.61 -11.37 -5.21
N ASP E 29 -32.52 -10.29 -4.45
CA ASP E 29 -31.39 -9.40 -4.67
C ASP E 29 -30.19 -9.80 -3.81
N GLU E 30 -30.26 -10.91 -3.04
CA GLU E 30 -29.14 -11.29 -2.21
C GLU E 30 -28.38 -12.45 -2.89
N CYS E 31 -27.20 -12.74 -2.34
CA CYS E 31 -26.51 -14.00 -2.54
C CYS E 31 -26.21 -14.68 -1.20
N GLN E 32 -27.27 -14.78 -0.38
CA GLN E 32 -27.30 -15.65 0.79
C GLN E 32 -27.40 -17.11 0.37
N GLU E 33 -28.15 -17.36 -0.73
CA GLU E 33 -28.31 -18.64 -1.39
C GLU E 33 -27.92 -19.79 -0.43
N SER E 41 -21.08 -29.55 -3.04
CA SER E 41 -19.64 -29.51 -3.39
C SER E 41 -19.17 -28.06 -3.45
N ASP E 42 -17.88 -27.90 -3.13
CA ASP E 42 -17.22 -26.60 -3.15
C ASP E 42 -17.29 -26.00 -4.56
N ILE E 43 -17.07 -26.83 -5.58
CA ILE E 43 -17.10 -26.39 -6.97
C ILE E 43 -18.41 -25.67 -7.26
N CYS E 44 -19.52 -26.31 -6.87
CA CYS E 44 -20.84 -25.79 -7.14
C CYS E 44 -21.07 -24.52 -6.33
N ARG E 45 -20.70 -24.54 -5.03
CA ARG E 45 -20.96 -23.40 -4.17
C ARG E 45 -20.18 -22.18 -4.66
N ILE E 46 -18.93 -22.39 -5.11
CA ILE E 46 -18.08 -21.29 -5.57
C ILE E 46 -18.71 -20.68 -6.82
N ALA E 47 -19.08 -21.52 -7.80
CA ALA E 47 -19.62 -21.03 -9.05
C ALA E 47 -20.95 -20.29 -8.85
N GLN E 48 -21.79 -20.84 -7.96
CA GLN E 48 -23.07 -20.23 -7.65
C GLN E 48 -22.89 -18.83 -7.09
N ARG E 49 -22.06 -18.75 -6.04
CA ARG E 49 -21.84 -17.51 -5.33
C ARG E 49 -21.20 -16.50 -6.27
N GLN E 50 -20.18 -16.93 -7.05
CA GLN E 50 -19.46 -15.99 -7.88
C GLN E 50 -20.37 -15.41 -8.96
N CYS E 51 -21.22 -16.24 -9.58
CA CYS E 51 -22.11 -15.78 -10.64
C CYS E 51 -23.24 -14.92 -10.04
N CYS E 52 -23.63 -15.24 -8.82
CA CYS E 52 -24.64 -14.47 -8.11
C CYS E 52 -24.11 -13.05 -7.85
N ILE E 53 -22.92 -13.00 -7.26
CA ILE E 53 -22.27 -11.76 -6.86
C ILE E 53 -21.93 -10.93 -8.08
N SER E 54 -21.39 -11.52 -9.16
CA SER E 54 -21.06 -10.77 -10.36
C SER E 54 -22.28 -10.05 -10.91
N TYR E 55 -23.44 -10.72 -10.91
CA TYR E 55 -24.63 -10.11 -11.46
C TYR E 55 -25.02 -8.88 -10.64
N LEU E 56 -25.04 -9.02 -9.32
CA LEU E 56 -25.38 -7.93 -8.41
C LEU E 56 -24.34 -6.82 -8.49
N LYS E 57 -23.06 -7.18 -8.65
CA LYS E 57 -21.99 -6.19 -8.75
C LYS E 57 -22.15 -5.38 -10.03
N GLU E 58 -22.41 -6.05 -11.17
CA GLU E 58 -22.50 -5.34 -12.44
C GLU E 58 -23.71 -4.41 -12.42
N LYS E 59 -24.82 -4.88 -11.84
CA LYS E 59 -26.04 -4.12 -11.75
C LYS E 59 -25.85 -2.87 -10.88
N SER E 60 -25.29 -3.04 -9.69
CA SER E 60 -25.02 -1.94 -8.78
C SER E 60 -24.03 -0.96 -9.41
N CYS E 61 -23.02 -1.48 -10.12
CA CYS E 61 -22.07 -0.64 -10.81
C CYS E 61 -22.76 0.26 -11.83
N VAL E 62 -23.61 -0.32 -12.69
CA VAL E 62 -24.30 0.43 -13.73
C VAL E 62 -25.22 1.47 -13.10
N ALA E 63 -25.88 1.13 -11.98
CA ALA E 63 -26.72 2.08 -11.25
C ALA E 63 -25.86 3.23 -10.74
N GLY E 64 -24.68 2.90 -10.21
CA GLY E 64 -23.72 3.89 -9.75
C GLY E 64 -23.33 4.88 -10.85
N VAL E 65 -22.99 4.36 -12.04
CA VAL E 65 -22.62 5.19 -13.17
C VAL E 65 -23.76 6.16 -13.51
N MET E 66 -24.99 5.65 -13.53
CA MET E 66 -26.15 6.46 -13.89
C MET E 66 -26.35 7.55 -12.84
N GLY E 67 -26.17 7.17 -11.57
CA GLY E 67 -26.21 8.09 -10.43
C GLY E 67 -25.28 9.29 -10.64
N ALA E 68 -24.02 9.01 -11.00
CA ALA E 68 -23.05 10.06 -11.20
C ALA E 68 -23.48 10.96 -12.35
N LYS E 69 -23.96 10.37 -13.45
CA LYS E 69 -24.29 11.16 -14.62
C LYS E 69 -25.50 12.06 -14.35
N GLU E 70 -26.34 11.66 -13.39
CA GLU E 70 -27.56 12.39 -13.05
C GLU E 70 -27.30 13.44 -11.98
N GLY E 71 -26.07 13.49 -11.43
CA GLY E 71 -25.72 14.47 -10.40
C GLY E 71 -26.05 14.00 -8.98
N GLU E 72 -26.32 12.70 -8.80
CA GLU E 72 -26.62 12.14 -7.49
C GLU E 72 -25.33 12.01 -6.69
N THR E 73 -25.49 12.07 -5.37
CA THR E 73 -24.40 11.84 -4.42
C THR E 73 -24.08 10.35 -4.37
N CYS E 74 -22.78 10.05 -4.33
CA CYS E 74 -22.32 8.68 -4.33
C CYS E 74 -22.41 8.06 -2.93
N GLY E 75 -22.57 8.87 -1.88
CA GLY E 75 -22.41 8.43 -0.50
C GLY E 75 -21.21 9.11 0.15
N ALA E 76 -21.00 8.86 1.45
CA ALA E 76 -19.94 9.52 2.20
C ALA E 76 -18.84 8.52 2.58
N GLU E 77 -17.66 9.04 2.97
CA GLU E 77 -16.59 8.22 3.53
C GLU E 77 -16.82 6.71 3.27
N SER E 85 -18.93 -0.91 -1.56
CA SER E 85 -20.16 -0.80 -2.39
C SER E 85 -19.78 -0.56 -3.85
N LEU E 86 -20.37 -1.33 -4.78
CA LEU E 86 -20.12 -1.06 -6.18
C LEU E 86 -20.97 0.09 -6.70
N TYR E 87 -22.08 0.39 -6.05
CA TYR E 87 -22.80 1.61 -6.38
C TYR E 87 -21.85 2.79 -6.16
N LYS E 88 -21.28 2.86 -4.94
CA LYS E 88 -20.47 4.00 -4.55
C LYS E 88 -19.18 4.04 -5.37
N GLN E 89 -18.53 2.89 -5.50
CA GLN E 89 -17.29 2.80 -6.25
C GLN E 89 -17.49 3.31 -7.68
N CYS E 90 -18.52 2.80 -8.36
CA CYS E 90 -18.72 3.13 -9.76
C CYS E 90 -19.20 4.57 -9.90
N CYS E 91 -19.98 5.05 -8.93
CA CYS E 91 -20.38 6.46 -8.90
C CYS E 91 -19.15 7.36 -8.77
N ASP E 92 -18.27 7.06 -7.82
CA ASP E 92 -17.05 7.83 -7.60
C ASP E 92 -16.14 7.78 -8.85
N CYS E 93 -15.92 6.60 -9.42
CA CYS E 93 -15.02 6.44 -10.55
C CYS E 93 -15.57 7.13 -11.79
N CYS E 94 -16.88 7.03 -11.99
CA CYS E 94 -17.53 7.77 -13.05
C CYS E 94 -17.30 9.25 -12.84
N GLY E 95 -17.48 9.71 -11.60
CA GLY E 95 -17.33 11.11 -11.24
C GLY E 95 -15.94 11.65 -11.55
N LEU E 96 -14.90 10.81 -11.43
CA LEU E 96 -13.56 11.21 -11.84
C LEU E 96 -13.56 11.59 -13.32
N GLY E 97 -14.11 10.71 -14.16
CA GLY E 97 -14.16 10.91 -15.60
C GLY E 97 -14.99 12.15 -15.96
N LEU E 98 -16.11 12.34 -15.27
CA LEU E 98 -16.98 13.47 -15.54
C LEU E 98 -16.26 14.78 -15.25
N ARG E 99 -15.50 14.82 -14.14
CA ARG E 99 -14.85 16.05 -13.70
C ARG E 99 -13.75 16.42 -14.68
N VAL E 100 -13.03 15.41 -15.19
CA VAL E 100 -11.98 15.62 -16.19
C VAL E 100 -12.60 16.18 -17.47
N ARG E 101 -13.70 15.55 -17.90
CA ARG E 101 -14.40 15.96 -19.11
C ARG E 101 -14.93 17.39 -18.95
N ALA E 102 -15.46 17.70 -17.76
CA ALA E 102 -16.02 19.01 -17.47
C ALA E 102 -14.96 20.09 -17.56
N GLU E 103 -13.68 19.73 -17.34
CA GLU E 103 -12.58 20.68 -17.41
C GLU E 103 -12.09 20.85 -18.85
N GLY E 104 -12.69 20.14 -19.81
CA GLY E 104 -12.32 20.25 -21.21
C GLY E 104 -11.05 19.46 -21.53
N GLN E 105 -10.64 18.56 -20.61
CA GLN E 105 -9.41 17.79 -20.78
C GLN E 105 -9.74 16.41 -21.33
N SER E 106 -8.73 15.82 -21.98
CA SER E 106 -8.84 14.52 -22.60
C SER E 106 -8.63 13.43 -21.55
N CYS E 107 -9.28 12.30 -21.77
CA CYS E 107 -9.22 11.20 -20.84
C CYS E 107 -7.99 10.36 -21.10
N GLU E 108 -7.31 9.95 -20.02
CA GLU E 108 -6.19 9.04 -20.12
C GLU E 108 -6.51 7.81 -19.27
N SER E 109 -6.35 6.62 -19.86
CA SER E 109 -6.44 5.37 -19.15
C SER E 109 -5.47 5.37 -17.98
N ASN E 110 -5.95 4.96 -16.80
CA ASN E 110 -5.08 4.78 -15.65
C ASN E 110 -5.37 3.41 -15.03
N PRO E 111 -4.68 2.35 -15.53
CA PRO E 111 -4.87 1.00 -15.03
C PRO E 111 -4.68 0.83 -13.52
N ASN E 112 -3.94 1.75 -12.89
CA ASN E 112 -3.71 1.64 -11.46
C ASN E 112 -5.01 1.76 -10.67
N LEU E 113 -6.03 2.41 -11.27
CA LEU E 113 -7.33 2.57 -10.65
C LEU E 113 -8.02 1.21 -10.51
N GLY E 114 -7.60 0.23 -11.32
CA GLY E 114 -8.11 -1.13 -11.21
C GLY E 114 -9.40 -1.32 -12.00
N TYR E 115 -10.05 -2.47 -11.76
CA TYR E 115 -11.29 -2.84 -12.43
C TYR E 115 -12.42 -2.88 -11.40
N PRO E 116 -13.60 -2.29 -11.68
CA PRO E 116 -13.91 -1.64 -12.95
C PRO E 116 -13.66 -0.14 -13.05
N CYS E 117 -12.94 0.42 -12.07
CA CYS E 117 -12.84 1.84 -11.89
C CYS E 117 -12.29 2.52 -13.15
N ASN E 118 -11.20 1.98 -13.69
CA ASN E 118 -10.56 2.58 -14.86
C ASN E 118 -11.53 2.63 -16.04
N HIS E 119 -12.11 1.47 -16.35
CA HIS E 119 -13.06 1.36 -17.44
C HIS E 119 -14.21 2.34 -17.24
N VAL E 120 -14.70 2.44 -16.01
CA VAL E 120 -15.85 3.29 -15.73
C VAL E 120 -15.46 4.75 -15.87
N MET E 121 -14.28 5.10 -15.37
CA MET E 121 -13.82 6.47 -15.47
C MET E 121 -13.73 6.89 -16.95
N LEU E 122 -13.13 6.03 -17.79
CA LEU E 122 -12.96 6.34 -19.19
C LEU E 122 -14.30 6.53 -19.88
N SER E 123 -15.20 5.56 -19.66
CA SER E 123 -16.50 5.59 -20.29
C SER E 123 -17.22 6.89 -19.95
N CYS E 124 -17.18 7.30 -18.68
CA CYS E 124 -17.84 8.52 -18.26
C CYS E 124 -17.14 9.77 -18.76
N CYS E 125 -15.83 9.66 -19.04
CA CYS E 125 -15.06 10.78 -19.52
C CYS E 125 -15.30 11.03 -21.02
N GLU E 126 -15.47 9.94 -21.78
CA GLU E 126 -15.45 10.02 -23.24
C GLU E 126 -16.89 10.06 -23.76
N SER F 9 -3.03 19.98 -12.76
CA SER F 9 -4.10 19.39 -13.59
C SER F 9 -4.81 18.24 -12.85
N THR F 10 -6.01 17.92 -13.32
CA THR F 10 -6.79 16.82 -12.77
C THR F 10 -6.08 15.48 -13.02
N LYS F 11 -5.49 15.34 -14.21
CA LYS F 11 -4.80 14.11 -14.57
C LYS F 11 -3.63 13.87 -13.61
N ASP F 12 -2.82 14.92 -13.36
CA ASP F 12 -1.66 14.80 -12.50
C ASP F 12 -2.09 14.55 -11.05
N LEU F 13 -3.20 15.16 -10.65
CA LEU F 13 -3.68 15.02 -9.28
C LEU F 13 -4.09 13.57 -9.05
N ILE F 14 -4.71 12.96 -10.07
CA ILE F 14 -5.14 11.58 -10.00
C ILE F 14 -3.92 10.69 -9.85
N GLU F 15 -2.90 10.91 -10.68
CA GLU F 15 -1.66 10.15 -10.63
C GLU F 15 -1.04 10.28 -9.23
N THR F 16 -0.97 11.51 -8.71
CA THR F 16 -0.33 11.80 -7.43
C THR F 16 -1.07 11.05 -6.31
N CYS F 17 -2.39 11.23 -6.25
CA CYS F 17 -3.20 10.67 -5.20
C CYS F 17 -3.30 9.15 -5.34
N CYS F 18 -3.27 8.67 -6.58
CA CYS F 18 -3.18 7.25 -6.83
C CYS F 18 -1.92 6.67 -6.22
N ALA F 19 -0.76 7.30 -6.44
CA ALA F 19 0.50 6.79 -5.90
C ALA F 19 0.47 6.84 -4.39
N ALA F 20 -0.10 7.88 -3.80
CA ALA F 20 -0.27 7.94 -2.35
C ALA F 20 -1.09 6.75 -1.84
N GLY F 21 -2.19 6.43 -2.52
CA GLY F 21 -3.02 5.31 -2.15
C GLY F 21 -2.26 3.98 -2.19
N GLN F 22 -1.57 3.73 -3.29
CA GLN F 22 -0.74 2.54 -3.43
C GLN F 22 0.27 2.48 -2.29
N GLN F 23 0.89 3.61 -1.99
CA GLN F 23 1.89 3.67 -0.94
CA GLN F 23 1.91 3.70 -0.93
C GLN F 23 1.26 3.35 0.41
N TRP F 24 0.06 3.87 0.65
CA TRP F 24 -0.66 3.55 1.87
C TRP F 24 -0.96 2.04 1.95
N ALA F 25 -1.32 1.44 0.83
CA ALA F 25 -1.61 0.00 0.78
C ALA F 25 -0.39 -0.80 1.16
N ILE F 26 0.78 -0.41 0.61
CA ILE F 26 2.04 -1.09 0.90
C ILE F 26 2.38 -0.94 2.38
N ASP F 27 2.22 0.27 2.92
CA ASP F 27 2.64 0.59 4.28
C ASP F 27 1.76 -0.14 5.29
N ASN F 28 0.43 -0.01 5.13
CA ASN F 28 -0.56 -0.65 5.97
C ASN F 28 -1.38 -1.55 5.07
N ASP F 29 -1.96 -2.61 5.63
CA ASP F 29 -2.58 -3.59 4.75
C ASP F 29 -4.07 -3.28 4.61
N GLU F 30 -4.44 -2.00 4.54
CA GLU F 30 -5.86 -1.62 4.54
C GLU F 30 -6.04 -0.25 3.88
N CYS F 31 -7.27 0.06 3.49
CA CYS F 31 -7.61 1.31 2.84
C CYS F 31 -8.78 1.99 3.56
N GLN F 32 -9.17 1.49 4.75
CA GLN F 32 -10.44 1.89 5.34
C GLN F 32 -10.27 3.24 6.04
N GLU F 33 -9.09 3.43 6.66
CA GLU F 33 -8.70 4.67 7.31
C GLU F 33 -7.51 5.20 6.51
N ILE F 34 -7.83 5.69 5.32
CA ILE F 34 -6.87 6.39 4.48
C ILE F 34 -6.93 7.87 4.87
N PRO F 35 -5.86 8.46 5.47
CA PRO F 35 -5.82 9.88 5.78
C PRO F 35 -5.22 10.74 4.66
N ALA F 39 -9.26 18.49 4.35
CA ALA F 39 -8.67 19.61 3.56
C ALA F 39 -8.30 19.12 2.17
N GLN F 40 -8.94 18.03 1.73
CA GLN F 40 -8.51 17.25 0.59
C GLN F 40 -9.67 17.12 -0.42
N SER F 41 -9.37 17.18 -1.72
CA SER F 41 -10.40 17.15 -2.74
C SER F 41 -10.96 15.75 -2.96
N ASP F 42 -12.22 15.71 -3.43
CA ASP F 42 -12.92 14.46 -3.71
C ASP F 42 -12.15 13.66 -4.76
N ILE F 43 -11.64 14.34 -5.79
CA ILE F 43 -10.89 13.69 -6.86
C ILE F 43 -9.71 12.92 -6.27
N CYS F 44 -8.98 13.57 -5.36
CA CYS F 44 -7.83 12.99 -4.70
C CYS F 44 -8.23 11.82 -3.82
N ARG F 45 -9.29 11.99 -3.02
CA ARG F 45 -9.71 10.95 -2.08
C ARG F 45 -10.16 9.70 -2.85
N ILE F 46 -10.86 9.92 -3.99
CA ILE F 46 -11.35 8.81 -4.79
C ILE F 46 -10.16 8.04 -5.37
N ALA F 47 -9.20 8.75 -5.96
CA ALA F 47 -8.05 8.13 -6.59
C ALA F 47 -7.21 7.39 -5.57
N GLN F 48 -7.04 7.98 -4.39
CA GLN F 48 -6.29 7.36 -3.31
C GLN F 48 -6.90 6.00 -2.94
N ARG F 49 -8.19 6.04 -2.61
CA ARG F 49 -8.91 4.86 -2.16
CA ARG F 49 -8.90 4.86 -2.16
C ARG F 49 -8.90 3.81 -3.26
N GLN F 50 -9.17 4.21 -4.49
CA GLN F 50 -9.34 3.25 -5.57
C GLN F 50 -8.01 2.56 -5.87
N CYS F 51 -6.90 3.33 -5.86
CA CYS F 51 -5.59 2.73 -6.12
C CYS F 51 -5.12 1.91 -4.94
N CYS F 52 -5.51 2.30 -3.73
CA CYS F 52 -5.21 1.51 -2.53
C CYS F 52 -5.88 0.14 -2.64
N ILE F 53 -7.19 0.13 -2.94
CA ILE F 53 -7.98 -1.08 -3.03
C ILE F 53 -7.47 -1.97 -4.16
N SER F 54 -7.23 -1.39 -5.35
CA SER F 54 -6.77 -2.18 -6.48
C SER F 54 -5.47 -2.91 -6.16
N TYR F 55 -4.54 -2.21 -5.47
CA TYR F 55 -3.24 -2.77 -5.14
C TYR F 55 -3.45 -3.99 -4.24
N LEU F 56 -4.24 -3.83 -3.16
CA LEU F 56 -4.49 -4.91 -2.23
C LEU F 56 -5.23 -6.03 -2.90
N LYS F 57 -6.16 -5.72 -3.80
CA LYS F 57 -6.92 -6.76 -4.49
C LYS F 57 -5.99 -7.59 -5.38
N GLU F 58 -5.13 -6.93 -6.16
CA GLU F 58 -4.29 -7.63 -7.11
C GLU F 58 -3.28 -8.50 -6.36
N LYS F 59 -2.74 -7.94 -5.26
CA LYS F 59 -1.75 -8.64 -4.45
C LYS F 59 -2.35 -9.89 -3.83
N SER F 60 -3.50 -9.73 -3.16
CA SER F 60 -4.15 -10.84 -2.50
C SER F 60 -4.58 -11.87 -3.53
N CYS F 61 -5.06 -11.41 -4.70
CA CYS F 61 -5.42 -12.33 -5.78
C CYS F 61 -4.23 -13.20 -6.20
N VAL F 62 -3.06 -12.59 -6.46
CA VAL F 62 -1.88 -13.33 -6.92
C VAL F 62 -1.45 -14.34 -5.84
N ALA F 63 -1.53 -13.93 -4.56
CA ALA F 63 -1.20 -14.83 -3.45
C ALA F 63 -2.17 -16.02 -3.44
N GLY F 64 -3.46 -15.71 -3.65
CA GLY F 64 -4.52 -16.71 -3.71
C GLY F 64 -4.27 -17.75 -4.80
N VAL F 65 -3.89 -17.29 -6.01
CA VAL F 65 -3.60 -18.17 -7.12
C VAL F 65 -2.47 -19.12 -6.74
N MET F 66 -1.41 -18.59 -6.12
CA MET F 66 -0.25 -19.39 -5.77
C MET F 66 -0.67 -20.44 -4.74
N GLY F 67 -1.50 -20.01 -3.76
CA GLY F 67 -2.07 -20.91 -2.76
C GLY F 67 -2.76 -22.12 -3.39
N ALA F 68 -3.63 -21.86 -4.36
CA ALA F 68 -4.35 -22.93 -5.02
C ALA F 68 -3.39 -23.86 -5.73
N LYS F 69 -2.38 -23.31 -6.43
CA LYS F 69 -1.48 -24.16 -7.21
C LYS F 69 -0.62 -25.02 -6.31
N GLU F 70 -0.41 -24.58 -5.05
CA GLU F 70 0.40 -25.30 -4.07
C GLU F 70 -0.47 -26.28 -3.25
N GLY F 71 -1.75 -26.39 -3.55
CA GLY F 71 -2.61 -27.41 -2.98
C GLY F 71 -3.40 -26.93 -1.78
N GLU F 72 -3.48 -25.60 -1.55
CA GLU F 72 -4.32 -25.10 -0.46
C GLU F 72 -5.78 -25.16 -0.87
N THR F 73 -6.69 -25.34 0.12
CA THR F 73 -8.10 -25.63 -0.14
C THR F 73 -8.98 -24.52 0.44
N CYS F 74 -9.29 -23.52 -0.37
CA CYS F 74 -9.99 -22.34 0.07
C CYS F 74 -11.48 -22.66 -0.05
N GLY F 75 -12.24 -22.51 1.03
CA GLY F 75 -13.61 -23.04 1.05
C GLY F 75 -13.95 -23.46 2.44
N CYS F 82 -15.79 -6.72 5.88
CA CYS F 82 -15.48 -5.29 5.62
C CYS F 82 -14.05 -5.14 5.07
N GLY F 83 -13.54 -6.18 4.38
CA GLY F 83 -12.20 -6.16 3.81
C GLY F 83 -12.24 -6.16 2.27
N VAL F 84 -11.07 -6.18 1.64
CA VAL F 84 -10.97 -6.20 0.19
C VAL F 84 -10.11 -7.36 -0.33
N SER F 85 -9.72 -8.31 0.53
CA SER F 85 -8.85 -9.40 0.11
C SER F 85 -9.54 -10.31 -0.91
N LEU F 86 -8.88 -10.59 -2.04
CA LEU F 86 -9.35 -11.60 -2.99
C LEU F 86 -8.58 -12.90 -2.83
N TYR F 87 -7.99 -13.14 -1.67
CA TYR F 87 -7.21 -14.34 -1.50
C TYR F 87 -8.09 -15.55 -1.78
N LYS F 88 -9.20 -15.61 -1.04
CA LYS F 88 -10.12 -16.74 -1.09
C LYS F 88 -10.76 -16.84 -2.49
N GLN F 89 -11.24 -15.72 -3.00
CA GLN F 89 -11.89 -15.70 -4.30
C GLN F 89 -10.95 -16.26 -5.37
N CYS F 90 -9.73 -15.75 -5.44
CA CYS F 90 -8.80 -16.14 -6.48
C CYS F 90 -8.30 -17.57 -6.26
N CYS F 91 -8.14 -17.97 -5.00
CA CYS F 91 -7.82 -19.36 -4.69
C CYS F 91 -8.93 -20.30 -5.19
N ASP F 92 -10.19 -19.98 -4.86
CA ASP F 92 -11.32 -20.80 -5.28
C ASP F 92 -11.43 -20.87 -6.80
N CYS F 93 -11.31 -19.71 -7.47
CA CYS F 93 -11.50 -19.64 -8.91
C CYS F 93 -10.36 -20.36 -9.62
N CYS F 94 -9.13 -20.21 -9.11
CA CYS F 94 -8.01 -20.96 -9.66
C CYS F 94 -8.30 -22.45 -9.50
N GLY F 95 -8.80 -22.85 -8.33
CA GLY F 95 -9.12 -24.24 -8.03
C GLY F 95 -10.12 -24.85 -9.02
N LEU F 96 -11.08 -24.04 -9.49
CA LEU F 96 -12.01 -24.49 -10.52
C LEU F 96 -11.23 -24.93 -11.76
N GLY F 97 -10.32 -24.05 -12.22
CA GLY F 97 -9.55 -24.29 -13.42
C GLY F 97 -8.65 -25.50 -13.26
N LEU F 98 -8.03 -25.64 -12.09
CA LEU F 98 -7.14 -26.75 -11.81
C LEU F 98 -7.88 -28.07 -11.90
N ARG F 99 -9.10 -28.11 -11.35
CA ARG F 99 -9.86 -29.36 -11.26
CA ARG F 99 -9.85 -29.36 -11.27
C ARG F 99 -10.30 -29.79 -12.66
N VAL F 100 -10.66 -28.81 -13.51
CA VAL F 100 -11.04 -29.08 -14.89
C VAL F 100 -9.83 -29.61 -15.65
N ARG F 101 -8.69 -28.96 -15.49
CA ARG F 101 -7.44 -29.38 -16.13
C ARG F 101 -7.07 -30.78 -15.69
N ALA F 102 -7.23 -31.07 -14.40
CA ALA F 102 -6.87 -32.36 -13.82
C ALA F 102 -7.73 -33.47 -14.44
N GLU F 103 -8.93 -33.13 -14.91
CA GLU F 103 -9.82 -34.11 -15.54
C GLU F 103 -9.52 -34.27 -17.03
N GLY F 104 -8.49 -33.58 -17.53
CA GLY F 104 -8.05 -33.72 -18.90
C GLY F 104 -8.90 -32.87 -19.86
N GLN F 105 -9.75 -31.98 -19.34
CA GLN F 105 -10.67 -31.23 -20.18
C GLN F 105 -10.12 -29.83 -20.44
N SER F 106 -10.56 -29.20 -21.51
CA SER F 106 -10.23 -27.79 -21.74
C SER F 106 -11.25 -26.91 -21.02
N CYS F 107 -10.82 -25.73 -20.61
CA CYS F 107 -11.74 -24.79 -20.01
C CYS F 107 -12.41 -23.97 -21.09
N GLU F 108 -13.60 -23.47 -20.76
CA GLU F 108 -14.28 -22.45 -21.54
C GLU F 108 -14.51 -21.20 -20.68
N SER F 109 -14.27 -20.05 -21.30
CA SER F 109 -14.53 -18.75 -20.70
C SER F 109 -15.97 -18.68 -20.22
N ASN F 110 -16.15 -18.24 -18.98
CA ASN F 110 -17.47 -17.99 -18.43
C ASN F 110 -17.47 -16.61 -17.78
N PRO F 111 -17.76 -15.54 -18.57
CA PRO F 111 -17.78 -14.19 -18.04
C PRO F 111 -18.73 -13.96 -16.86
N ASN F 112 -19.73 -14.81 -16.70
CA ASN F 112 -20.64 -14.68 -15.56
C ASN F 112 -19.92 -14.87 -14.23
N LEU F 113 -18.77 -15.58 -14.23
CA LEU F 113 -17.96 -15.74 -13.03
C LEU F 113 -17.42 -14.39 -12.54
N GLY F 114 -17.37 -13.40 -13.44
CA GLY F 114 -16.93 -12.06 -13.08
C GLY F 114 -15.43 -11.97 -13.26
N TYR F 115 -14.92 -10.78 -12.90
CA TYR F 115 -13.50 -10.46 -12.92
C TYR F 115 -13.05 -10.26 -11.48
N PRO F 116 -11.91 -10.85 -11.06
CA PRO F 116 -11.03 -11.63 -11.93
C PRO F 116 -11.23 -13.15 -11.99
N CYS F 117 -12.35 -13.63 -11.46
CA CYS F 117 -12.56 -15.07 -11.30
C CYS F 117 -12.41 -15.80 -12.63
N ASN F 118 -13.06 -15.32 -13.68
CA ASN F 118 -13.04 -15.97 -14.98
C ASN F 118 -11.60 -16.08 -15.49
N HIS F 119 -10.92 -14.92 -15.53
CA HIS F 119 -9.55 -14.85 -16.00
C HIS F 119 -8.68 -15.79 -15.18
N VAL F 120 -8.89 -15.84 -13.87
CA VAL F 120 -8.03 -16.65 -13.02
C VAL F 120 -8.32 -18.13 -13.26
N MET F 121 -9.60 -18.48 -13.39
CA MET F 121 -9.94 -19.85 -13.67
C MET F 121 -9.27 -20.31 -14.98
N LEU F 122 -9.36 -19.51 -16.04
CA LEU F 122 -8.80 -19.87 -17.33
C LEU F 122 -7.29 -20.05 -17.22
N SER F 123 -6.63 -19.07 -16.60
CA SER F 123 -5.18 -19.09 -16.46
C SER F 123 -4.74 -20.37 -15.76
N CYS F 124 -5.44 -20.75 -14.67
CA CYS F 124 -5.07 -21.96 -13.93
C CYS F 124 -5.43 -23.21 -14.69
N CYS F 125 -6.39 -23.12 -15.60
CA CYS F 125 -6.83 -24.25 -16.39
C CYS F 125 -5.86 -24.55 -17.53
N GLU F 126 -5.23 -23.52 -18.08
CA GLU F 126 -4.38 -23.64 -19.25
C GLU F 126 -2.94 -24.01 -18.88
N GLY F 127 -2.45 -23.49 -17.74
CA GLY F 127 -1.08 -23.79 -17.31
C GLY F 127 -0.58 -22.80 -16.27
N SER G 9 -29.52 -62.30 38.86
CA SER G 9 -28.14 -62.31 38.36
C SER G 9 -27.60 -60.89 38.20
N THR G 10 -26.27 -60.78 38.17
CA THR G 10 -25.60 -59.50 38.01
C THR G 10 -25.86 -58.96 36.61
N LYS G 11 -25.90 -59.84 35.61
CA LYS G 11 -26.16 -59.42 34.24
C LYS G 11 -27.55 -58.77 34.13
N ASP G 12 -28.56 -59.41 34.72
CA ASP G 12 -29.93 -58.91 34.66
C ASP G 12 -30.06 -57.62 35.46
N LEU G 13 -29.31 -57.52 36.57
CA LEU G 13 -29.38 -56.34 37.41
C LEU G 13 -28.83 -55.15 36.63
N ILE G 14 -27.77 -55.40 35.86
CA ILE G 14 -27.14 -54.36 35.07
C ILE G 14 -28.13 -53.88 34.01
N GLU G 15 -28.78 -54.80 33.32
CA GLU G 15 -29.80 -54.49 32.32
C GLU G 15 -30.92 -53.67 32.96
N THR G 16 -31.40 -54.09 34.12
CA THR G 16 -32.50 -53.45 34.82
C THR G 16 -32.12 -52.01 35.18
N CYS G 17 -30.97 -51.85 35.83
CA CYS G 17 -30.54 -50.55 36.32
C CYS G 17 -30.11 -49.66 35.16
N CYS G 18 -29.61 -50.26 34.11
CA CYS G 18 -29.34 -49.55 32.88
C CYS G 18 -30.62 -48.95 32.30
N ALA G 19 -31.70 -49.72 32.21
CA ALA G 19 -32.95 -49.22 31.68
C ALA G 19 -33.50 -48.11 32.59
N ALA G 20 -33.36 -48.25 33.90
CA ALA G 20 -33.74 -47.17 34.82
C ALA G 20 -32.95 -45.88 34.51
N GLY G 21 -31.66 -46.00 34.28
CA GLY G 21 -30.84 -44.84 33.98
C GLY G 21 -31.25 -44.17 32.67
N GLN G 22 -31.49 -44.95 31.63
CA GLN G 22 -32.02 -44.43 30.37
C GLN G 22 -33.32 -43.69 30.61
N GLN G 23 -34.19 -44.29 31.41
CA GLN G 23 -35.48 -43.72 31.71
C GLN G 23 -35.29 -42.39 32.45
N TRP G 24 -34.36 -42.36 33.37
CA TRP G 24 -34.07 -41.12 34.08
C TRP G 24 -33.55 -40.05 33.14
N ALA G 25 -32.73 -40.43 32.17
CA ALA G 25 -32.20 -39.50 31.18
C ALA G 25 -33.35 -38.89 30.38
N ILE G 26 -34.28 -39.73 29.94
CA ILE G 26 -35.43 -39.30 29.16
C ILE G 26 -36.30 -38.35 30.00
N ASP G 27 -36.51 -38.68 31.27
CA ASP G 27 -37.40 -37.92 32.14
C ASP G 27 -36.80 -36.55 32.44
N ASN G 28 -35.54 -36.53 32.91
CA ASN G 28 -34.96 -35.35 33.56
C ASN G 28 -33.78 -34.70 32.82
N ASP G 29 -33.19 -35.31 31.78
CA ASP G 29 -32.17 -34.67 30.99
C ASP G 29 -30.89 -34.41 31.79
N GLU G 30 -30.67 -35.17 32.87
CA GLU G 30 -29.45 -35.08 33.65
C GLU G 30 -29.27 -36.39 34.41
N CYS G 31 -28.07 -36.64 34.94
CA CYS G 31 -27.72 -37.90 35.57
C CYS G 31 -27.12 -37.68 36.95
N GLN G 32 -27.31 -36.50 37.55
CA GLN G 32 -26.67 -36.22 38.84
C GLN G 32 -27.49 -36.86 39.96
N GLU G 33 -28.81 -36.90 39.77
CA GLU G 33 -29.75 -37.42 40.76
C GLU G 33 -30.07 -38.92 40.65
N ILE G 34 -29.86 -39.60 41.76
CA ILE G 34 -30.01 -41.03 41.84
C ILE G 34 -31.44 -41.34 42.27
N PRO G 35 -32.26 -42.02 41.44
CA PRO G 35 -33.45 -42.72 41.92
C PRO G 35 -33.15 -44.16 42.39
N GLN G 40 -28.76 -49.13 48.28
CA GLN G 40 -28.93 -50.06 47.13
C GLN G 40 -27.55 -50.26 46.50
N SER G 41 -27.42 -51.20 45.56
CA SER G 41 -26.10 -51.77 45.29
C SER G 41 -25.28 -50.88 44.36
N ASP G 42 -23.96 -51.00 44.52
CA ASP G 42 -22.99 -50.28 43.72
C ASP G 42 -23.18 -50.62 42.24
N ILE G 43 -23.38 -51.91 41.96
CA ILE G 43 -23.55 -52.41 40.60
C ILE G 43 -24.67 -51.65 39.92
N CYS G 44 -25.81 -51.54 40.62
CA CYS G 44 -26.99 -50.89 40.12
C CYS G 44 -26.74 -49.40 39.91
N ARG G 45 -26.14 -48.74 40.90
CA ARG G 45 -25.92 -47.30 40.81
C ARG G 45 -24.99 -46.96 39.65
N ILE G 46 -23.95 -47.80 39.47
CA ILE G 46 -22.99 -47.58 38.40
C ILE G 46 -23.68 -47.73 37.05
N ALA G 47 -24.45 -48.81 36.87
CA ALA G 47 -25.13 -49.09 35.61
C ALA G 47 -26.14 -48.00 35.29
N GLN G 48 -26.86 -47.52 36.29
CA GLN G 48 -27.83 -46.46 36.12
C GLN G 48 -27.16 -45.20 35.58
N ARG G 49 -26.13 -44.75 36.29
CA ARG G 49 -25.43 -43.54 35.94
C ARG G 49 -24.81 -43.68 34.53
N GLN G 50 -24.18 -44.82 34.28
CA GLN G 50 -23.44 -44.97 33.04
C GLN G 50 -24.40 -44.99 31.85
N CYS G 51 -25.53 -45.68 31.99
CA CYS G 51 -26.50 -45.74 30.90
C CYS G 51 -27.24 -44.42 30.75
N CYS G 52 -27.40 -43.66 31.85
CA CYS G 52 -27.97 -42.33 31.80
C CYS G 52 -27.06 -41.44 30.96
N ILE G 53 -25.75 -41.42 31.28
CA ILE G 53 -24.79 -40.57 30.62
C ILE G 53 -24.69 -40.94 29.12
N SER G 54 -24.56 -42.25 28.84
CA SER G 54 -24.46 -42.70 27.47
C SER G 54 -25.64 -42.23 26.62
N TYR G 55 -26.86 -42.30 27.17
CA TYR G 55 -28.07 -41.96 26.46
C TYR G 55 -28.00 -40.48 26.09
N LEU G 56 -27.70 -39.62 27.07
CA LEU G 56 -27.62 -38.19 26.84
C LEU G 56 -26.50 -37.87 25.85
N LYS G 57 -25.37 -38.59 25.96
CA LYS G 57 -24.25 -38.33 25.06
C LYS G 57 -24.65 -38.67 23.62
N GLU G 58 -25.25 -39.84 23.41
CA GLU G 58 -25.56 -40.29 22.06
C GLU G 58 -26.62 -39.38 21.45
N LYS G 59 -27.60 -38.96 22.26
CA LYS G 59 -28.67 -38.10 21.81
C LYS G 59 -28.13 -36.73 21.38
N SER G 60 -27.33 -36.11 22.26
CA SER G 60 -26.76 -34.81 21.97
C SER G 60 -25.82 -34.90 20.76
N CYS G 61 -25.06 -36.00 20.67
CA CYS G 61 -24.19 -36.21 19.52
C CYS G 61 -24.99 -36.24 18.21
N VAL G 62 -26.08 -37.01 18.14
CA VAL G 62 -26.88 -37.12 16.92
C VAL G 62 -27.48 -35.75 16.57
N ALA G 63 -27.91 -34.98 17.58
CA ALA G 63 -28.43 -33.64 17.35
C ALA G 63 -27.33 -32.75 16.78
N GLY G 64 -26.12 -32.89 17.35
CA GLY G 64 -24.95 -32.13 16.90
C GLY G 64 -24.64 -32.40 15.42
N VAL G 65 -24.66 -33.68 15.01
CA VAL G 65 -24.40 -34.07 13.64
C VAL G 65 -25.44 -33.38 12.71
N MET G 66 -26.70 -33.42 13.10
CA MET G 66 -27.76 -32.85 12.29
C MET G 66 -27.56 -31.33 12.17
N GLY G 67 -27.19 -30.70 13.29
CA GLY G 67 -26.86 -29.29 13.33
C GLY G 67 -25.79 -28.91 12.29
N ALA G 68 -24.70 -29.68 12.25
CA ALA G 68 -23.63 -29.39 11.31
C ALA G 68 -24.13 -29.51 9.88
N LYS G 69 -24.93 -30.55 9.59
CA LYS G 69 -25.37 -30.78 8.22
C LYS G 69 -26.34 -29.69 7.78
N GLU G 70 -27.03 -29.05 8.73
CA GLU G 70 -28.01 -28.02 8.46
C GLU G 70 -27.36 -26.63 8.41
N GLY G 71 -26.04 -26.54 8.63
CA GLY G 71 -25.31 -25.29 8.52
C GLY G 71 -25.25 -24.50 9.83
N GLU G 72 -25.58 -25.13 10.96
CA GLU G 72 -25.63 -24.43 12.24
C GLU G 72 -24.21 -24.20 12.74
N THR G 73 -24.03 -23.12 13.51
CA THR G 73 -22.82 -22.86 14.26
C THR G 73 -22.78 -23.78 15.47
N CYS G 74 -21.62 -24.37 15.73
CA CYS G 74 -21.48 -25.37 16.76
C CYS G 74 -21.17 -24.64 18.06
N GLY G 75 -21.95 -24.90 19.11
CA GLY G 75 -21.58 -24.51 20.48
C GLY G 75 -21.36 -23.01 20.61
N GLY G 83 -21.78 -31.37 33.10
CA GLY G 83 -22.52 -31.52 31.83
C GLY G 83 -21.94 -32.66 30.98
N VAL G 84 -22.75 -33.25 30.11
CA VAL G 84 -22.37 -34.41 29.33
C VAL G 84 -22.65 -34.21 27.84
N SER G 85 -23.08 -33.01 27.40
CA SER G 85 -23.55 -32.83 26.05
C SER G 85 -22.41 -32.95 25.04
N LEU G 86 -22.60 -33.77 23.99
CA LEU G 86 -21.66 -33.82 22.88
C LEU G 86 -22.17 -33.02 21.70
N TYR G 87 -23.08 -32.08 21.92
CA TYR G 87 -23.66 -31.36 20.80
C TYR G 87 -22.51 -30.68 20.04
N LYS G 88 -21.72 -29.88 20.76
CA LYS G 88 -20.68 -29.07 20.16
C LYS G 88 -19.59 -29.96 19.53
N GLN G 89 -19.16 -30.98 20.30
CA GLN G 89 -18.12 -31.87 19.84
C GLN G 89 -18.54 -32.53 18.53
N CYS G 90 -19.74 -33.11 18.49
CA CYS G 90 -20.18 -33.85 17.33
C CYS G 90 -20.46 -32.90 16.16
N CYS G 91 -20.95 -31.70 16.46
CA CYS G 91 -21.13 -30.68 15.42
C CYS G 91 -19.77 -30.30 14.80
N ASP G 92 -18.77 -30.00 15.64
CA ASP G 92 -17.44 -29.65 15.16
C ASP G 92 -16.81 -30.79 14.34
N CYS G 93 -16.90 -32.03 14.86
CA CYS G 93 -16.25 -33.15 14.22
C CYS G 93 -16.95 -33.48 12.91
N CYS G 94 -18.27 -33.40 12.88
CA CYS G 94 -19.00 -33.58 11.64
C CYS G 94 -18.53 -32.52 10.65
N GLY G 95 -18.40 -31.27 11.10
CA GLY G 95 -18.00 -30.15 10.25
C GLY G 95 -16.63 -30.38 9.58
N LEU G 96 -15.72 -31.06 10.29
CA LEU G 96 -14.42 -31.41 9.71
C LEU G 96 -14.65 -32.28 8.47
N GLY G 97 -15.44 -33.33 8.63
CA GLY G 97 -15.73 -34.28 7.58
C GLY G 97 -16.44 -33.62 6.40
N LEU G 98 -17.39 -32.73 6.71
CA LEU G 98 -18.18 -32.05 5.68
C LEU G 98 -17.27 -31.19 4.82
N ARG G 99 -16.31 -30.49 5.46
CA ARG G 99 -15.48 -29.55 4.75
C ARG G 99 -14.56 -30.29 3.79
N VAL G 100 -14.04 -31.45 4.25
CA VAL G 100 -13.16 -32.28 3.45
C VAL G 100 -13.95 -32.83 2.25
N ARG G 101 -15.16 -33.33 2.51
CA ARG G 101 -16.02 -33.88 1.48
C ARG G 101 -16.35 -32.81 0.45
N ALA G 102 -16.64 -31.59 0.93
CA ALA G 102 -17.01 -30.48 0.06
C ALA G 102 -15.86 -30.13 -0.89
N GLU G 103 -14.62 -30.42 -0.49
CA GLU G 103 -13.46 -30.13 -1.32
C GLU G 103 -13.17 -31.27 -2.31
N GLY G 104 -14.02 -32.31 -2.31
CA GLY G 104 -13.85 -33.42 -3.24
C GLY G 104 -12.77 -34.40 -2.80
N GLN G 105 -12.33 -34.31 -1.54
CA GLN G 105 -11.25 -35.16 -1.06
C GLN G 105 -11.82 -36.32 -0.26
N SER G 106 -11.09 -37.43 -0.13
CA SER G 106 -11.50 -38.49 0.78
C SER G 106 -10.97 -38.19 2.18
N CYS G 107 -11.70 -38.64 3.19
CA CYS G 107 -11.23 -38.50 4.54
C CYS G 107 -10.34 -39.69 4.88
N GLU G 108 -9.45 -39.45 5.83
CA GLU G 108 -8.67 -40.50 6.47
C GLU G 108 -9.01 -40.58 7.95
N SER G 109 -9.19 -41.81 8.43
CA SER G 109 -9.37 -42.10 9.85
C SER G 109 -8.21 -41.50 10.65
N ASN G 110 -8.55 -40.76 11.71
CA ASN G 110 -7.57 -40.22 12.62
C ASN G 110 -8.01 -40.54 14.04
N PRO G 111 -7.62 -41.73 14.57
CA PRO G 111 -7.97 -42.13 15.92
C PRO G 111 -7.59 -41.14 17.03
N ASN G 112 -6.60 -40.29 16.76
CA ASN G 112 -6.18 -39.31 17.76
C ASN G 112 -7.29 -38.31 18.05
N LEU G 113 -8.25 -38.14 17.12
CA LEU G 113 -9.41 -37.27 17.35
C LEU G 113 -10.29 -37.82 18.47
N GLY G 114 -10.16 -39.12 18.76
CA GLY G 114 -10.91 -39.75 19.85
C GLY G 114 -12.28 -40.21 19.38
N TYR G 115 -13.07 -40.70 20.35
CA TYR G 115 -14.39 -41.24 20.12
C TYR G 115 -15.39 -40.33 20.83
N PRO G 116 -16.51 -39.92 20.18
CA PRO G 116 -16.86 -40.36 18.83
C PRO G 116 -16.42 -39.45 17.68
N CYS G 117 -15.52 -38.52 17.93
CA CYS G 117 -15.14 -37.49 16.97
C CYS G 117 -14.70 -38.12 15.65
N ASN G 118 -13.79 -39.10 15.71
CA ASN G 118 -13.25 -39.70 14.51
C ASN G 118 -14.36 -40.33 13.67
N HIS G 119 -15.14 -41.19 14.33
CA HIS G 119 -16.25 -41.87 13.70
C HIS G 119 -17.22 -40.85 13.10
N VAL G 120 -17.48 -39.75 13.81
CA VAL G 120 -18.46 -38.79 13.34
C VAL G 120 -17.89 -38.05 12.14
N MET G 121 -16.61 -37.68 12.20
CA MET G 121 -15.98 -37.02 11.08
C MET G 121 -16.08 -37.90 9.83
N LEU G 122 -15.77 -39.17 9.95
CA LEU G 122 -15.76 -40.09 8.82
C LEU G 122 -17.17 -40.22 8.24
N SER G 123 -18.14 -40.45 9.11
CA SER G 123 -19.51 -40.60 8.68
C SER G 123 -19.98 -39.37 7.90
N CYS G 124 -19.66 -38.18 8.39
CA CYS G 124 -20.04 -36.94 7.71
C CYS G 124 -19.25 -36.72 6.42
N CYS G 125 -18.06 -37.31 6.34
CA CYS G 125 -17.20 -37.16 5.19
C CYS G 125 -17.62 -38.08 4.06
N GLU G 126 -18.20 -39.24 4.37
CA GLU G 126 -18.57 -40.23 3.38
C GLU G 126 -19.97 -39.97 2.80
N GLY G 127 -20.88 -39.49 3.64
CA GLY G 127 -22.11 -38.88 3.15
C GLY G 127 -23.20 -38.91 4.21
N MET H 8 -1.93 -24.76 2.96
CA MET H 8 -1.99 -26.17 3.39
C MET H 8 -3.40 -26.69 3.18
N SER H 9 -3.56 -27.91 2.63
CA SER H 9 -4.90 -28.50 2.51
C SER H 9 -5.59 -28.60 3.87
N THR H 10 -6.91 -28.77 3.87
CA THR H 10 -7.70 -28.92 5.07
C THR H 10 -7.33 -30.23 5.78
N LYS H 11 -7.10 -31.29 5.00
CA LYS H 11 -6.73 -32.58 5.57
C LYS H 11 -5.42 -32.46 6.34
N ASP H 12 -4.42 -31.83 5.71
CA ASP H 12 -3.10 -31.72 6.31
C ASP H 12 -3.16 -30.80 7.52
N LEU H 13 -4.00 -29.78 7.46
CA LEU H 13 -4.11 -28.83 8.55
C LEU H 13 -4.68 -29.53 9.77
N ILE H 14 -5.64 -30.42 9.55
CA ILE H 14 -6.26 -31.20 10.61
C ILE H 14 -5.20 -32.06 11.28
N GLU H 15 -4.42 -32.78 10.46
CA GLU H 15 -3.36 -33.64 10.95
C GLU H 15 -2.36 -32.82 11.78
N THR H 16 -1.95 -31.67 11.24
CA THR H 16 -0.94 -30.82 11.86
C THR H 16 -1.46 -30.32 13.20
N CYS H 17 -2.66 -29.75 13.21
CA CYS H 17 -3.22 -29.15 14.41
C CYS H 17 -3.58 -30.23 15.42
N CYS H 18 -3.99 -31.39 14.94
CA CYS H 18 -4.20 -32.54 15.82
C CYS H 18 -2.92 -32.91 16.57
N ALA H 19 -1.81 -33.02 15.84
CA ALA H 19 -0.55 -33.39 16.47
C ALA H 19 -0.11 -32.32 17.46
N ALA H 20 -0.32 -31.04 17.12
CA ALA H 20 -0.01 -29.95 18.03
C ALA H 20 -0.82 -30.08 19.32
N GLY H 21 -2.12 -30.38 19.19
CA GLY H 21 -2.98 -30.53 20.36
C GLY H 21 -2.50 -31.67 21.26
N GLN H 22 -2.22 -32.83 20.68
CA GLN H 22 -1.69 -33.95 21.45
C GLN H 22 -0.42 -33.51 22.19
N GLN H 23 0.46 -32.82 21.47
CA GLN H 23 1.73 -32.38 22.02
C GLN H 23 1.48 -31.41 23.17
N TRP H 24 0.51 -30.50 23.00
CA TRP H 24 0.15 -29.57 24.05
C TRP H 24 -0.34 -30.34 25.28
N ALA H 25 -1.14 -31.39 25.08
CA ALA H 25 -1.66 -32.19 26.19
C ALA H 25 -0.51 -32.83 26.96
N ILE H 26 0.46 -33.39 26.23
CA ILE H 26 1.62 -34.04 26.85
C ILE H 26 2.43 -33.00 27.64
N ASP H 27 2.65 -31.81 27.05
CA ASP H 27 3.50 -30.80 27.64
C ASP H 27 2.86 -30.21 28.88
N ASN H 28 1.60 -29.79 28.76
CA ASN H 28 0.82 -29.21 29.84
C ASN H 28 -0.37 -30.13 30.05
N ASP H 29 -0.89 -30.22 31.27
CA ASP H 29 -1.85 -31.28 31.55
C ASP H 29 -3.28 -30.78 31.32
N GLU H 30 -3.49 -29.92 30.32
CA GLU H 30 -4.76 -29.21 30.16
C GLU H 30 -4.90 -28.78 28.69
N CYS H 31 -6.12 -28.41 28.30
CA CYS H 31 -6.45 -28.06 26.93
C CYS H 31 -7.13 -26.69 26.83
N GLN H 32 -6.47 -25.71 27.44
CA GLN H 32 -6.87 -24.31 27.33
C GLN H 32 -6.43 -23.76 25.98
N GLU H 33 -5.25 -24.20 25.51
CA GLU H 33 -4.52 -23.64 24.39
C GLU H 33 -5.02 -22.21 24.10
N SER H 41 -7.36 -20.61 12.19
CA SER H 41 -8.64 -21.08 11.60
C SER H 41 -9.39 -21.98 12.61
N ASP H 42 -10.72 -21.97 12.45
CA ASP H 42 -11.62 -22.77 13.27
C ASP H 42 -11.27 -24.25 13.12
N ILE H 43 -10.98 -24.69 11.89
CA ILE H 43 -10.63 -26.08 11.60
C ILE H 43 -9.45 -26.51 12.46
N CYS H 44 -8.41 -25.67 12.50
CA CYS H 44 -7.20 -25.95 13.27
C CYS H 44 -7.52 -25.96 14.76
N ARG H 45 -8.27 -24.98 15.24
CA ARG H 45 -8.56 -24.88 16.66
C ARG H 45 -9.39 -26.09 17.13
N ILE H 46 -10.33 -26.54 16.29
CA ILE H 46 -11.16 -27.69 16.62
C ILE H 46 -10.29 -28.95 16.71
N ALA H 47 -9.44 -29.18 15.71
CA ALA H 47 -8.60 -30.37 15.67
C ALA H 47 -7.62 -30.39 16.84
N GLN H 48 -7.06 -29.21 17.17
CA GLN H 48 -6.15 -29.09 18.29
C GLN H 48 -6.83 -29.51 19.59
N ARG H 49 -7.96 -28.88 19.87
CA ARG H 49 -8.70 -29.10 21.10
C ARG H 49 -9.13 -30.56 21.17
N GLN H 50 -9.66 -31.11 20.06
CA GLN H 50 -10.20 -32.46 20.11
C GLN H 50 -9.10 -33.47 20.39
N CYS H 51 -7.93 -33.31 19.75
CA CYS H 51 -6.83 -34.25 19.95
C CYS H 51 -6.20 -34.06 21.32
N CYS H 52 -6.22 -32.82 21.84
CA CYS H 52 -5.74 -32.53 23.17
C CYS H 52 -6.60 -33.26 24.20
N ILE H 53 -7.92 -33.08 24.09
CA ILE H 53 -8.89 -33.63 25.01
C ILE H 53 -8.86 -35.16 24.94
N SER H 54 -8.84 -35.74 23.74
CA SER H 54 -8.81 -37.20 23.60
C SER H 54 -7.62 -37.80 24.34
N TYR H 55 -6.45 -37.17 24.23
CA TYR H 55 -5.24 -37.67 24.86
C TYR H 55 -5.44 -37.70 26.39
N LEU H 56 -5.90 -36.58 26.96
CA LEU H 56 -6.12 -36.48 28.39
C LEU H 56 -7.22 -37.43 28.84
N LYS H 57 -8.26 -37.61 28.00
CA LYS H 57 -9.35 -38.52 28.34
C LYS H 57 -8.84 -39.96 28.39
N GLU H 58 -8.07 -40.37 27.38
CA GLU H 58 -7.61 -41.75 27.31
C GLU H 58 -6.65 -42.01 28.46
N LYS H 59 -5.80 -41.05 28.78
CA LYS H 59 -4.84 -41.17 29.87
C LYS H 59 -5.56 -41.33 31.22
N SER H 60 -6.50 -40.43 31.51
CA SER H 60 -7.27 -40.50 32.74
C SER H 60 -8.07 -41.80 32.81
N CYS H 61 -8.64 -42.24 31.68
CA CYS H 61 -9.37 -43.50 31.63
C CYS H 61 -8.46 -44.66 32.01
N VAL H 62 -7.27 -44.75 31.42
CA VAL H 62 -6.34 -45.86 31.67
C VAL H 62 -5.91 -45.83 33.14
N ALA H 63 -5.69 -44.64 33.71
CA ALA H 63 -5.35 -44.50 35.12
C ALA H 63 -6.50 -45.02 35.97
N GLY H 64 -7.74 -44.66 35.58
CA GLY H 64 -8.94 -45.16 36.24
C GLY H 64 -9.01 -46.68 36.29
N VAL H 65 -8.79 -47.32 35.14
CA VAL H 65 -8.84 -48.77 35.03
C VAL H 65 -7.79 -49.38 35.98
N MET H 66 -6.57 -48.83 35.98
CA MET H 66 -5.49 -49.37 36.79
C MET H 66 -5.84 -49.21 38.25
N GLY H 67 -6.42 -48.05 38.62
CA GLY H 67 -6.90 -47.79 39.96
C GLY H 67 -7.85 -48.88 40.46
N ALA H 68 -8.84 -49.22 39.63
CA ALA H 68 -9.81 -50.23 40.02
C ALA H 68 -9.12 -51.57 40.23
N LYS H 69 -8.20 -51.94 39.32
CA LYS H 69 -7.57 -53.25 39.40
C LYS H 69 -6.66 -53.35 40.64
N GLU H 70 -6.17 -52.20 41.13
CA GLU H 70 -5.27 -52.14 42.27
C GLU H 70 -6.05 -52.04 43.59
N GLY H 71 -7.37 -51.92 43.53
CA GLY H 71 -8.20 -51.83 44.74
C GLY H 71 -8.38 -50.39 45.25
N GLU H 72 -8.06 -49.40 44.43
CA GLU H 72 -8.22 -48.01 44.79
C GLU H 72 -9.69 -47.62 44.66
N THR H 73 -10.11 -46.64 45.45
CA THR H 73 -11.46 -46.10 45.40
C THR H 73 -11.60 -45.19 44.18
N CYS H 74 -12.74 -45.28 43.51
CA CYS H 74 -13.04 -44.47 42.35
C CYS H 74 -13.46 -43.05 42.72
N GLY H 75 -13.80 -42.82 44.00
CA GLY H 75 -14.40 -41.58 44.47
C GLY H 75 -15.85 -41.83 44.90
N ALA H 76 -16.46 -40.84 45.59
CA ALA H 76 -17.90 -40.79 45.74
C ALA H 76 -18.45 -39.49 45.13
N SER H 85 -15.93 -37.25 35.29
CA SER H 85 -14.49 -37.62 35.35
C SER H 85 -14.26 -38.93 34.59
N LEU H 86 -13.26 -38.98 33.70
CA LEU H 86 -12.97 -40.25 33.03
C LEU H 86 -12.15 -41.17 33.94
N TYR H 87 -11.41 -40.60 34.90
CA TYR H 87 -10.81 -41.46 35.91
C TYR H 87 -11.93 -42.25 36.59
N LYS H 88 -12.92 -41.53 37.12
CA LYS H 88 -13.96 -42.14 37.94
C LYS H 88 -14.83 -43.04 37.07
N GLN H 89 -15.23 -42.56 35.90
CA GLN H 89 -16.04 -43.36 34.98
C GLN H 89 -15.36 -44.70 34.66
N CYS H 90 -14.11 -44.67 34.27
CA CYS H 90 -13.42 -45.88 33.86
C CYS H 90 -13.12 -46.76 35.08
N CYS H 91 -12.85 -46.16 36.23
CA CYS H 91 -12.70 -46.90 37.48
C CYS H 91 -14.00 -47.63 37.82
N ASP H 92 -15.14 -46.93 37.79
CA ASP H 92 -16.44 -47.52 38.07
C ASP H 92 -16.77 -48.62 37.08
N CYS H 93 -16.57 -48.39 35.79
CA CYS H 93 -16.92 -49.36 34.76
C CYS H 93 -16.03 -50.60 34.87
N CYS H 94 -14.75 -50.40 35.15
CA CYS H 94 -13.87 -51.53 35.41
C CYS H 94 -14.41 -52.30 36.63
N GLY H 95 -14.79 -51.58 37.67
CA GLY H 95 -15.31 -52.16 38.90
C GLY H 95 -16.55 -53.02 38.66
N LEU H 96 -17.40 -52.66 37.71
CA LEU H 96 -18.53 -53.51 37.34
C LEU H 96 -18.03 -54.86 36.89
N GLY H 97 -17.06 -54.87 35.97
CA GLY H 97 -16.51 -56.09 35.42
C GLY H 97 -15.84 -56.95 36.51
N LEU H 98 -15.13 -56.28 37.42
CA LEU H 98 -14.42 -56.96 38.48
C LEU H 98 -15.43 -57.67 39.38
N ARG H 99 -16.52 -56.99 39.71
CA ARG H 99 -17.49 -57.50 40.68
C ARG H 99 -18.22 -58.69 40.08
N VAL H 100 -18.50 -58.66 38.77
CA VAL H 100 -19.14 -59.76 38.06
C VAL H 100 -18.21 -60.95 38.07
N ARG H 101 -16.93 -60.72 37.75
CA ARG H 101 -15.93 -61.77 37.70
C ARG H 101 -15.79 -62.39 39.09
N ALA H 102 -15.77 -61.54 40.13
CA ALA H 102 -15.59 -61.97 41.50
C ALA H 102 -16.72 -62.90 41.94
N GLU H 103 -17.91 -62.74 41.32
CA GLU H 103 -19.06 -63.57 41.66
C GLU H 103 -19.07 -64.88 40.87
N GLY H 104 -18.05 -65.10 40.04
CA GLY H 104 -17.93 -66.34 39.30
C GLY H 104 -18.82 -66.36 38.05
N GLN H 105 -19.35 -65.19 37.65
CA GLN H 105 -20.25 -65.11 36.52
C GLN H 105 -19.48 -64.66 35.27
N SER H 106 -20.03 -65.02 34.10
CA SER H 106 -19.42 -64.69 32.84
C SER H 106 -19.83 -63.29 32.41
N CYS H 107 -18.98 -62.64 31.64
CA CYS H 107 -19.20 -61.28 31.21
C CYS H 107 -20.09 -61.25 29.97
N GLU H 108 -21.02 -60.29 29.92
CA GLU H 108 -21.79 -60.05 28.73
C GLU H 108 -21.62 -58.58 28.33
N SER H 109 -21.33 -58.35 27.05
CA SER H 109 -21.30 -57.03 26.46
C SER H 109 -22.64 -56.33 26.72
N ASN H 110 -22.57 -55.07 27.18
CA ASN H 110 -23.76 -54.24 27.31
C ASN H 110 -23.51 -52.90 26.65
N PRO H 111 -23.76 -52.78 25.33
CA PRO H 111 -23.52 -51.54 24.59
C PRO H 111 -24.23 -50.31 25.15
N ASN H 112 -25.29 -50.50 25.91
CA ASN H 112 -26.02 -49.39 26.48
C ASN H 112 -25.16 -48.61 27.45
N LEU H 113 -24.13 -49.27 28.04
CA LEU H 113 -23.19 -48.61 28.95
C LEU H 113 -22.38 -47.56 28.21
N GLY H 114 -22.28 -47.68 26.88
CA GLY H 114 -21.60 -46.68 26.07
C GLY H 114 -20.12 -46.97 25.95
N TYR H 115 -19.39 -46.02 25.36
CA TYR H 115 -17.96 -46.08 25.17
C TYR H 115 -17.31 -45.00 26.01
N PRO H 116 -16.23 -45.29 26.78
CA PRO H 116 -15.59 -46.61 26.81
C PRO H 116 -16.05 -47.60 27.86
N CYS H 117 -17.17 -47.31 28.53
CA CYS H 117 -17.57 -48.03 29.71
C CYS H 117 -17.72 -49.52 29.41
N ASN H 118 -18.43 -49.85 28.34
CA ASN H 118 -18.68 -51.24 28.00
C ASN H 118 -17.36 -51.99 27.78
N HIS H 119 -16.52 -51.43 26.91
CA HIS H 119 -15.24 -52.03 26.60
C HIS H 119 -14.41 -52.22 27.87
N VAL H 120 -14.45 -51.21 28.76
CA VAL H 120 -13.64 -51.27 29.96
C VAL H 120 -14.17 -52.34 30.90
N MET H 121 -15.51 -52.39 31.02
CA MET H 121 -16.11 -53.40 31.87
C MET H 121 -15.73 -54.79 31.41
N LEU H 122 -15.82 -55.05 30.10
CA LEU H 122 -15.51 -56.37 29.57
C LEU H 122 -14.06 -56.74 29.84
N SER H 123 -13.16 -55.81 29.52
CA SER H 123 -11.73 -56.04 29.71
C SER H 123 -11.44 -56.41 31.16
N CYS H 124 -12.03 -55.69 32.11
CA CYS H 124 -11.80 -55.97 33.51
C CYS H 124 -12.48 -57.26 33.97
N CYS H 125 -13.54 -57.67 33.26
CA CYS H 125 -14.27 -58.87 33.61
C CYS H 125 -13.55 -60.13 33.13
N GLU H 126 -12.82 -60.02 32.01
CA GLU H 126 -12.19 -61.17 31.39
C GLU H 126 -10.80 -61.45 32.01
#